data_6MJA
#
_entry.id   6MJA
#
_cell.length_a   79.037
_cell.length_b   191.486
_cell.length_c   151.131
_cell.angle_alpha   90.000
_cell.angle_beta   90.000
_cell.angle_gamma   90.000
#
_symmetry.space_group_name_H-M   'C 2 2 21'
#
loop_
_entity.id
_entity.type
_entity.pdbx_description
1 polymer 'T cell receptor alpha variable 11,T cell receptor alpha variable 11,T cell receptor alpha joining 18,Human nkt tcr alpha chain, CHIMERIC PROTEIN'
2 polymer 'Beta-chain,T cell receptor chain,T cell receptor beta constant 2, CHIMERIC PROTEIN'
3 polymer 'Antigen-presenting glycoprotein CD1d1'
4 polymer Beta-2-microglobulin
5 branched 2-acetamido-2-deoxy-beta-D-glucopyranose-(1-4)-2-acetamido-2-deoxy-beta-D-glucopyranose
6 branched beta-D-mannopyranose-(1-4)-2-acetamido-2-deoxy-beta-D-glucopyranose-(1-4)-[alpha-L-fucopyranose-(1-6)]2-acetamido-2-deoxy-beta-D-glucopyranose
7 non-polymer 'SODIUM ION'
8 non-polymer GLYCEROL
9 non-polymer 2-acetamido-2-deoxy-beta-D-glucopyranose
10 non-polymer N-[(2S,3S,4R)-3,4-dihydroxy-1-({4-O-[(4-methylphenyl)methyl]-alpha-D-galactopyranosyl}oxy)octadecan-2-yl]hexacosanamide
11 water water
#
loop_
_entity_poly.entity_id
_entity_poly.type
_entity_poly.pdbx_seq_one_letter_code
_entity_poly.pdbx_strand_id
1 'polypeptide(L)'
;MKTQVEQSPQSLVVRQGENCVLQCNYSVTPDNHLRWFKQDTGKGLVSLTVLVDQKDKTSNGRYSATLDKDAKHSTLHITA
TLLDDTATYICVVGDRGSALGRLHFGAGTQLIVIPDIQNPDPAVYQLRDSKSSDKSVCLFTDFDSQTNVSQSKDSDVYIT
DKCVLDMRSMDFKSNSAVAWSNKSDFACANAFNNSIIPEDTFFPSPESS
;
C
2 'polypeptide(L)'
;MEAAVTQSPRNKVAVTGGKVTLSCNQTNNHNNMYWYRQDTGHGLRLIHYSYGAGSTEKGDIPDGYKASRPSQENFSLILE
LATPSQTSVYFCASGDEGYTQYFGPGTRLLVLEDLRNVTPPKVSLFEPSKAEISHTQKATLVCLATGFYPDHVELSWWVN
GKEVHSGVCTDPQPLKEQPALNDSRYSLSSRLRVSATFWQNPRNHFRCQVQFYGLSENDEWTQDRAKPVTQIVSAEAWGR
A
;
D
3 'polypeptide(L)'
;SEAQQKNYTFRCLQMSSFANRSWSRTDSVVWLGDLQTHRWSNDSATISFTKPWSQGKLSNQQWEKLQHMFQVYRVSFTRD
IQELVKMMSPKEDYPIEIQLSAGCEMYPGNASESFLHVAFQGKYVVRFWGTSWQTVPGAPSWLDLPIKVLNADQGTSATV
QMLLNDTCPLFVRGLLEAGKSDLEKQEKPVAWLSSVPSSAHGHRQLVCHVSGFYPKPVWVMWMRGDQEQQGTHRGDFLPN
ADETWYLQATLDVEAGEEAGLACRVKHSSLGGQDIILYWHHHHHH
;
A
4 'polypeptide(L)'
;IQKTPQIQVYSRHPPENGKPNILNCYVTQFHPPHIEIQMLKNGKKIPKVEMSDMSFSKDWSFYILAHTEFTPTETDTYAC
RVKHASMAEPKTVYWDRDM
;
B
#
loop_
_chem_comp.id
_chem_comp.type
_chem_comp.name
_chem_comp.formula
BMA D-saccharide, beta linking beta-D-mannopyranose 'C6 H12 O6'
FUC L-saccharide, alpha linking alpha-L-fucopyranose 'C6 H12 O5'
GOL non-polymer GLYCEROL 'C3 H8 O3'
JTJ non-polymer N-[(2S,3S,4R)-3,4-dihydroxy-1-({4-O-[(4-methylphenyl)methyl]-alpha-D-galactopyranosyl}oxy)octadecan-2-yl]hexacosanamide 'C58 H107 N O9'
NA non-polymer 'SODIUM ION' 'Na 1'
NAG D-saccharide, beta linking 2-acetamido-2-deoxy-beta-D-glucopyranose 'C8 H15 N O6'
#
# COMPACT_ATOMS: atom_id res chain seq x y z
N THR A 3 2.41 -14.35 -2.49
CA THR A 3 1.03 -13.81 -2.38
C THR A 3 0.57 -13.85 -0.92
N GLN A 4 -0.06 -12.75 -0.49
CA GLN A 4 -0.51 -12.58 0.88
C GLN A 4 -2.03 -12.69 0.95
N VAL A 5 -2.66 -13.01 -0.19
CA VAL A 5 -4.11 -13.10 -0.28
C VAL A 5 -4.47 -14.38 -1.03
N GLU A 6 -5.13 -15.32 -0.33
CA GLU A 6 -5.50 -16.61 -0.90
C GLU A 6 -7.01 -16.78 -0.88
N GLN A 7 -7.56 -17.25 -2.00
CA GLN A 7 -8.99 -17.45 -2.13
C GLN A 7 -9.31 -18.93 -2.28
N SER A 8 -10.49 -19.30 -1.79
CA SER A 8 -11.00 -20.67 -1.80
C SER A 8 -12.53 -20.62 -1.91
N PRO A 9 -13.14 -21.53 -2.68
CA PRO A 9 -12.49 -22.48 -3.57
C PRO A 9 -11.84 -21.77 -4.77
N GLN A 10 -11.00 -22.51 -5.50
CA GLN A 10 -10.42 -22.03 -6.75
C GLN A 10 -11.54 -21.84 -7.77
N SER A 11 -12.42 -22.85 -7.87
CA SER A 11 -13.57 -22.81 -8.75
C SER A 11 -14.69 -23.66 -8.17
N LEU A 12 -15.93 -23.37 -8.57
CA LEU A 12 -17.07 -24.18 -8.16
C LEU A 12 -18.22 -24.02 -9.16
N VAL A 13 -19.05 -25.07 -9.23
CA VAL A 13 -20.23 -25.11 -10.07
C VAL A 13 -21.43 -25.31 -9.15
N VAL A 14 -22.42 -24.43 -9.27
CA VAL A 14 -23.67 -24.55 -8.51
C VAL A 14 -24.82 -24.44 -9.49
N ARG A 15 -26.02 -24.86 -9.03
CA ARG A 15 -27.22 -24.76 -9.82
C ARG A 15 -28.02 -23.53 -9.38
N GLN A 16 -28.75 -22.94 -10.33
CA GLN A 16 -29.58 -21.78 -10.09
C GLN A 16 -30.42 -21.99 -8.84
N GLY A 17 -30.45 -20.98 -7.97
CA GLY A 17 -31.29 -21.01 -6.78
C GLY A 17 -30.50 -21.38 -5.53
N GLU A 18 -29.33 -22.01 -5.72
CA GLU A 18 -28.49 -22.43 -4.61
C GLU A 18 -27.68 -21.24 -4.09
N ASN A 19 -27.31 -21.30 -2.82
CA ASN A 19 -26.42 -20.32 -2.21
C ASN A 19 -25.00 -20.88 -2.24
N CYS A 20 -24.01 -19.98 -2.22
CA CYS A 20 -22.63 -20.42 -2.10
C CYS A 20 -21.82 -19.44 -1.25
N VAL A 21 -20.73 -19.96 -0.69
CA VAL A 21 -19.82 -19.21 0.16
C VAL A 21 -18.46 -19.17 -0.53
N LEU A 22 -17.89 -17.97 -0.62
CA LEU A 22 -16.55 -17.77 -1.16
C LEU A 22 -15.70 -17.22 -0.02
N GLN A 23 -14.44 -17.65 0.07
CA GLN A 23 -13.63 -17.21 1.19
C GLN A 23 -12.32 -16.57 0.74
N CYS A 24 -11.79 -15.76 1.67
CA CYS A 24 -10.57 -15.01 1.49
C CYS A 24 -9.77 -15.08 2.79
N ASN A 25 -8.53 -15.53 2.66
CA ASN A 25 -7.58 -15.56 3.76
C ASN A 25 -6.35 -14.76 3.36
N TYR A 26 -5.89 -13.89 4.25
CA TYR A 26 -4.82 -12.97 3.94
C TYR A 26 -3.83 -12.89 5.11
N SER A 27 -2.63 -12.40 4.83
CA SER A 27 -1.62 -12.17 5.85
C SER A 27 -1.11 -10.73 5.79
N VAL A 28 -1.79 -9.89 4.99
CA VAL A 28 -1.43 -8.50 4.79
C VAL A 28 -1.42 -7.77 6.14
N THR A 29 -0.35 -7.01 6.38
CA THR A 29 -0.19 -6.17 7.56
C THR A 29 0.34 -4.80 7.12
N PRO A 30 -0.34 -3.72 7.50
CA PRO A 30 -1.63 -3.77 8.19
C PRO A 30 -2.77 -4.03 7.22
N ASP A 31 -3.98 -4.18 7.76
CA ASP A 31 -5.15 -4.52 6.96
C ASP A 31 -6.25 -3.49 7.22
N ASN A 32 -6.22 -2.41 6.43
CA ASN A 32 -7.15 -1.32 6.61
C ASN A 32 -8.56 -1.76 6.20
N HIS A 33 -8.68 -2.33 4.99
CA HIS A 33 -9.98 -2.68 4.46
C HIS A 33 -9.86 -3.83 3.47
N LEU A 34 -11.00 -4.47 3.20
CA LEU A 34 -11.11 -5.59 2.28
C LEU A 34 -12.27 -5.30 1.33
N ARG A 35 -12.03 -5.53 0.03
CA ARG A 35 -13.03 -5.27 -0.99
C ARG A 35 -13.24 -6.52 -1.83
N TRP A 36 -14.51 -6.78 -2.18
CA TRP A 36 -14.86 -7.86 -3.08
C TRP A 36 -15.24 -7.29 -4.44
N PHE A 37 -14.65 -7.86 -5.50
CA PHE A 37 -14.94 -7.48 -6.87
C PHE A 37 -15.61 -8.64 -7.60
N LYS A 38 -16.54 -8.30 -8.50
CA LYS A 38 -17.05 -9.24 -9.48
C LYS A 38 -16.45 -8.88 -10.83
N GLN A 39 -15.95 -9.90 -11.54
CA GLN A 39 -15.41 -9.72 -12.88
C GLN A 39 -16.04 -10.73 -13.83
N ASP A 40 -16.96 -10.24 -14.69
CA ASP A 40 -17.47 -11.00 -15.80
C ASP A 40 -16.34 -11.29 -16.77
N THR A 41 -16.48 -12.38 -17.53
CA THR A 41 -15.46 -12.82 -18.48
C THR A 41 -15.20 -11.71 -19.49
N GLY A 42 -13.92 -11.30 -19.57
CA GLY A 42 -13.45 -10.32 -20.53
C GLY A 42 -13.89 -8.90 -20.19
N LYS A 43 -14.26 -8.66 -18.92
CA LYS A 43 -14.78 -7.38 -18.51
C LYS A 43 -13.93 -6.81 -17.37
N GLY A 44 -14.41 -5.70 -16.79
CA GLY A 44 -13.66 -5.00 -15.76
C GLY A 44 -14.12 -5.41 -14.36
N LEU A 45 -13.66 -4.64 -13.37
CA LEU A 45 -13.87 -4.95 -11.97
C LEU A 45 -15.04 -4.13 -11.45
N VAL A 46 -16.06 -4.83 -10.96
CA VAL A 46 -17.22 -4.21 -10.35
C VAL A 46 -17.16 -4.47 -8.85
N SER A 47 -17.03 -3.38 -8.07
CA SER A 47 -16.99 -3.44 -6.61
C SER A 47 -18.34 -3.89 -6.08
N LEU A 48 -18.32 -4.93 -5.23
CA LEU A 48 -19.54 -5.47 -4.64
C LEU A 48 -19.75 -4.89 -3.25
N THR A 49 -18.67 -4.81 -2.46
CA THR A 49 -18.73 -4.34 -1.09
C THR A 49 -17.33 -4.03 -0.59
N VAL A 50 -17.25 -3.20 0.47
CA VAL A 50 -16.01 -2.94 1.18
C VAL A 50 -16.27 -3.07 2.68
N LEU A 51 -15.41 -3.84 3.34
CA LEU A 51 -15.50 -4.08 4.78
C LEU A 51 -14.29 -3.42 5.43
N VAL A 52 -14.54 -2.75 6.57
CA VAL A 52 -13.54 -1.87 7.16
C VAL A 52 -13.37 -2.16 8.65
N ASP A 53 -14.42 -2.65 9.32
CA ASP A 53 -14.41 -2.81 10.77
C ASP A 53 -13.75 -4.12 11.16
N GLN A 54 -13.35 -4.19 12.44
CA GLN A 54 -12.65 -5.33 13.03
C GLN A 54 -13.49 -6.60 12.81
N LYS A 55 -14.79 -6.51 13.14
CA LYS A 55 -15.75 -7.56 12.89
C LYS A 55 -16.89 -6.96 12.06
N ASP A 56 -16.71 -6.93 10.73
CA ASP A 56 -17.62 -6.19 9.87
C ASP A 56 -18.58 -7.14 9.15
N LYS A 57 -19.77 -6.60 8.83
CA LYS A 57 -20.79 -7.27 8.06
C LYS A 57 -21.40 -6.26 7.10
N THR A 58 -21.53 -6.65 5.82
CA THR A 58 -22.16 -5.80 4.83
C THR A 58 -23.15 -6.63 4.01
N SER A 59 -24.00 -5.93 3.26
CA SER A 59 -24.95 -6.56 2.37
C SER A 59 -25.18 -5.66 1.15
N ASN A 60 -25.42 -6.30 0.00
CA ASN A 60 -25.68 -5.62 -1.25
C ASN A 60 -26.55 -6.55 -2.10
N GLY A 61 -27.87 -6.41 -1.93
CA GLY A 61 -28.84 -7.28 -2.56
C GLY A 61 -28.66 -8.74 -2.11
N ARG A 62 -28.32 -9.60 -3.07
CA ARG A 62 -28.17 -11.02 -2.81
C ARG A 62 -26.76 -11.33 -2.29
N TYR A 63 -25.87 -10.32 -2.35
CA TYR A 63 -24.52 -10.46 -1.81
C TYR A 63 -24.49 -9.99 -0.36
N SER A 64 -23.85 -10.79 0.49
CA SER A 64 -23.50 -10.36 1.84
C SER A 64 -22.09 -10.84 2.16
N ALA A 65 -21.40 -10.13 3.05
CA ALA A 65 -20.02 -10.42 3.36
C ALA A 65 -19.74 -10.20 4.84
N THR A 66 -18.75 -10.96 5.35
CA THR A 66 -18.24 -10.79 6.70
C THR A 66 -16.74 -10.54 6.63
N LEU A 67 -16.21 -9.88 7.66
CA LEU A 67 -14.77 -9.71 7.83
C LEU A 67 -14.43 -9.95 9.29
N ASP A 68 -13.40 -10.75 9.51
CA ASP A 68 -12.84 -11.00 10.83
C ASP A 68 -11.34 -10.73 10.77
N LYS A 69 -10.93 -9.55 11.26
CA LYS A 69 -9.57 -9.07 11.12
C LYS A 69 -8.63 -9.87 12.01
N ASP A 70 -9.11 -10.32 13.17
CA ASP A 70 -8.32 -11.13 14.07
C ASP A 70 -7.91 -12.44 13.38
N ALA A 71 -8.84 -13.02 12.61
CA ALA A 71 -8.60 -14.26 11.91
C ALA A 71 -8.01 -13.99 10.52
N LYS A 72 -8.07 -12.73 10.08
CA LYS A 72 -7.65 -12.31 8.75
C LYS A 72 -8.40 -13.16 7.72
N HIS A 73 -9.73 -13.14 7.83
CA HIS A 73 -10.58 -14.02 7.05
C HIS A 73 -11.86 -13.26 6.67
N SER A 74 -12.28 -13.44 5.40
CA SER A 74 -13.51 -12.86 4.90
C SER A 74 -14.26 -13.88 4.05
N THR A 75 -15.59 -13.83 4.11
CA THR A 75 -16.44 -14.65 3.26
C THR A 75 -17.41 -13.77 2.49
N LEU A 76 -17.67 -14.13 1.22
CA LEU A 76 -18.74 -13.55 0.44
C LEU A 76 -19.82 -14.61 0.24
N HIS A 77 -21.04 -14.28 0.65
CA HIS A 77 -22.20 -15.15 0.45
C HIS A 77 -23.03 -14.61 -0.71
N ILE A 78 -23.32 -15.49 -1.67
CA ILE A 78 -24.28 -15.20 -2.73
C ILE A 78 -25.52 -16.04 -2.46
N THR A 79 -26.66 -15.36 -2.29
CA THR A 79 -27.94 -16.00 -2.03
C THR A 79 -28.70 -16.15 -3.34
N ALA A 80 -29.31 -17.34 -3.53
CA ALA A 80 -30.16 -17.64 -4.68
C ALA A 80 -29.47 -17.23 -5.98
N THR A 81 -28.44 -18.00 -6.38
CA THR A 81 -27.61 -17.68 -7.52
C THR A 81 -28.46 -17.60 -8.79
N LEU A 82 -28.09 -16.64 -9.66
CA LEU A 82 -28.64 -16.53 -11.00
C LEU A 82 -27.50 -16.77 -12.00
N LEU A 83 -27.88 -17.03 -13.25
CA LEU A 83 -26.95 -17.28 -14.34
C LEU A 83 -25.91 -16.17 -14.42
N ASP A 84 -26.34 -14.92 -14.17
CA ASP A 84 -25.50 -13.74 -14.32
C ASP A 84 -24.48 -13.63 -13.19
N ASP A 85 -24.50 -14.56 -12.23
CA ASP A 85 -23.51 -14.60 -11.16
C ASP A 85 -22.25 -15.32 -11.66
N THR A 86 -22.37 -15.98 -12.81
CA THR A 86 -21.23 -16.63 -13.47
C THR A 86 -20.15 -15.58 -13.70
N ALA A 87 -19.03 -15.72 -12.97
CA ALA A 87 -17.99 -14.70 -12.97
C ALA A 87 -16.83 -15.14 -12.09
N THR A 88 -15.79 -14.30 -12.06
CA THR A 88 -14.69 -14.45 -11.12
C THR A 88 -14.87 -13.44 -9.99
N TYR A 89 -14.74 -13.92 -8.75
CA TYR A 89 -14.89 -13.08 -7.58
C TYR A 89 -13.52 -12.87 -6.94
N ILE A 90 -13.12 -11.60 -6.83
CA ILE A 90 -11.76 -11.25 -6.44
C ILE A 90 -11.79 -10.49 -5.12
N CYS A 91 -10.93 -10.95 -4.20
CA CYS A 91 -10.75 -10.36 -2.89
C CYS A 91 -9.50 -9.48 -2.92
N VAL A 92 -9.62 -8.26 -2.38
CA VAL A 92 -8.57 -7.27 -2.42
C VAL A 92 -8.42 -6.66 -1.03
N VAL A 93 -7.19 -6.67 -0.51
CA VAL A 93 -6.92 -6.06 0.79
C VAL A 93 -6.06 -4.82 0.58
N GLY A 94 -6.52 -3.71 1.19
CA GLY A 94 -5.75 -2.47 1.17
C GLY A 94 -5.07 -2.25 2.52
N ASP A 95 -3.78 -1.87 2.47
CA ASP A 95 -2.95 -1.81 3.66
C ASP A 95 -2.95 -0.42 4.29
N ARG A 96 -3.66 0.54 3.67
CA ARG A 96 -3.78 1.88 4.23
C ARG A 96 -5.17 2.44 3.97
N GLY A 97 -5.62 3.33 4.87
CA GLY A 97 -6.87 4.05 4.69
C GLY A 97 -6.71 5.30 3.82
N SER A 98 -5.68 5.30 2.96
CA SER A 98 -5.38 6.41 2.07
C SER A 98 -4.64 5.92 0.83
N ALA A 99 -4.30 6.88 -0.05
CA ALA A 99 -3.66 6.62 -1.32
C ALA A 99 -2.20 6.21 -1.14
N LEU A 100 -1.70 6.25 0.11
CA LEU A 100 -0.35 5.79 0.42
C LEU A 100 -0.34 4.27 0.48
N GLY A 101 -1.53 3.66 0.39
CA GLY A 101 -1.67 2.22 0.49
C GLY A 101 -1.38 1.50 -0.81
N ARG A 102 -0.97 0.24 -0.69
CA ARG A 102 -0.90 -0.70 -1.79
C ARG A 102 -2.08 -1.66 -1.70
N LEU A 103 -2.57 -2.10 -2.85
CA LEU A 103 -3.63 -3.09 -2.91
C LEU A 103 -3.02 -4.47 -3.07
N HIS A 104 -3.60 -5.45 -2.38
CA HIS A 104 -3.15 -6.83 -2.45
C HIS A 104 -4.29 -7.70 -2.99
N PHE A 105 -4.10 -8.22 -4.20
CA PHE A 105 -5.16 -8.87 -4.95
C PHE A 105 -5.06 -10.38 -4.80
N GLY A 106 -6.21 -11.01 -4.51
CA GLY A 106 -6.34 -12.46 -4.65
C GLY A 106 -6.46 -12.83 -6.12
N ALA A 107 -6.27 -14.11 -6.43
CA ALA A 107 -6.27 -14.60 -7.81
C ALA A 107 -7.70 -14.92 -8.25
N GLY A 108 -8.65 -14.87 -7.32
CA GLY A 108 -10.06 -14.99 -7.65
C GLY A 108 -10.62 -16.40 -7.48
N THR A 109 -11.95 -16.49 -7.51
CA THR A 109 -12.70 -17.73 -7.48
C THR A 109 -13.64 -17.73 -8.67
N GLN A 110 -13.55 -18.76 -9.51
CA GLN A 110 -14.43 -18.88 -10.67
C GLN A 110 -15.73 -19.56 -10.25
N LEU A 111 -16.85 -18.84 -10.40
CA LEU A 111 -18.16 -19.40 -10.15
C LEU A 111 -18.88 -19.63 -11.47
N ILE A 112 -19.48 -20.83 -11.62
CA ILE A 112 -20.38 -21.10 -12.72
C ILE A 112 -21.74 -21.49 -12.14
N VAL A 113 -22.79 -20.81 -12.62
CA VAL A 113 -24.15 -21.11 -12.21
C VAL A 113 -24.88 -21.75 -13.40
N ILE A 114 -25.29 -23.01 -13.23
CA ILE A 114 -26.06 -23.72 -14.24
C ILE A 114 -27.52 -23.29 -14.15
N PRO A 115 -28.10 -22.73 -15.24
CA PRO A 115 -29.46 -22.22 -15.21
C PRO A 115 -30.51 -23.32 -15.27
N ASP A 116 -31.71 -22.99 -14.78
CA ASP A 116 -32.84 -23.90 -14.76
C ASP A 116 -33.59 -23.79 -16.09
N ILE A 117 -33.67 -24.91 -16.83
CA ILE A 117 -34.41 -24.97 -18.08
C ILE A 117 -35.80 -25.51 -17.78
N GLN A 118 -36.80 -24.63 -17.87
CA GLN A 118 -38.16 -24.90 -17.42
C GLN A 118 -38.82 -25.94 -18.32
N ASN A 119 -38.89 -25.65 -19.62
CA ASN A 119 -39.61 -26.49 -20.56
C ASN A 119 -38.71 -26.86 -21.73
N PRO A 120 -37.89 -27.94 -21.61
CA PRO A 120 -37.03 -28.38 -22.71
C PRO A 120 -37.82 -28.90 -23.90
N ASP A 121 -37.37 -28.53 -25.11
CA ASP A 121 -38.01 -28.93 -26.35
C ASP A 121 -36.91 -29.22 -27.38
N PRO A 122 -36.05 -30.24 -27.13
CA PRO A 122 -34.84 -30.44 -27.93
C PRO A 122 -35.12 -30.71 -29.41
N ALA A 123 -34.38 -30.00 -30.27
CA ALA A 123 -34.57 -30.09 -31.71
C ALA A 123 -33.25 -29.79 -32.43
N VAL A 124 -33.15 -30.26 -33.68
CA VAL A 124 -32.05 -29.95 -34.56
C VAL A 124 -32.61 -29.34 -35.84
N TYR A 125 -32.30 -28.04 -36.04
CA TYR A 125 -32.82 -27.28 -37.16
C TYR A 125 -31.68 -26.95 -38.13
N GLN A 126 -32.04 -26.83 -39.42
CA GLN A 126 -31.09 -26.38 -40.43
C GLN A 126 -31.36 -24.90 -40.74
N LEU A 127 -30.28 -24.12 -40.75
CA LEU A 127 -30.34 -22.69 -41.01
C LEU A 127 -29.50 -22.38 -42.24
N ARG A 128 -30.01 -21.48 -43.10
CA ARG A 128 -29.35 -21.21 -44.37
C ARG A 128 -28.77 -19.80 -44.40
N ASP A 129 -27.68 -19.64 -45.15
CA ASP A 129 -26.95 -18.39 -45.29
C ASP A 129 -27.83 -17.37 -46.01
N SER A 130 -27.83 -16.14 -45.49
CA SER A 130 -28.66 -15.05 -45.98
C SER A 130 -28.31 -14.70 -47.44
N LYS A 131 -27.02 -14.78 -47.76
CA LYS A 131 -26.55 -14.52 -49.12
C LYS A 131 -26.71 -15.78 -49.96
N SER A 132 -25.70 -16.67 -49.88
CA SER A 132 -25.68 -17.89 -50.66
C SER A 132 -26.31 -19.04 -49.88
N SER A 133 -27.49 -19.47 -50.35
CA SER A 133 -28.35 -20.39 -49.61
C SER A 133 -27.86 -21.82 -49.67
N ASP A 134 -26.73 -22.05 -50.38
CA ASP A 134 -26.17 -23.37 -50.56
C ASP A 134 -25.43 -23.82 -49.29
N LYS A 135 -25.03 -22.84 -48.45
CA LYS A 135 -24.32 -23.12 -47.22
C LYS A 135 -25.28 -23.03 -46.03
N SER A 136 -25.05 -23.88 -45.02
CA SER A 136 -25.96 -23.99 -43.89
C SER A 136 -25.21 -24.38 -42.62
N VAL A 137 -25.88 -24.19 -41.48
CA VAL A 137 -25.43 -24.69 -40.19
C VAL A 137 -26.54 -25.54 -39.59
N CYS A 138 -26.18 -26.42 -38.65
CA CYS A 138 -27.15 -27.20 -37.90
C CYS A 138 -27.18 -26.72 -36.45
N LEU A 139 -28.38 -26.35 -35.99
CA LEU A 139 -28.55 -25.80 -34.66
C LEU A 139 -29.30 -26.79 -33.78
N PHE A 140 -28.59 -27.30 -32.77
CA PHE A 140 -29.16 -28.11 -31.71
C PHE A 140 -29.53 -27.18 -30.56
N THR A 141 -30.84 -27.07 -30.28
CA THR A 141 -31.32 -26.09 -29.31
C THR A 141 -32.38 -26.72 -28.41
N ASP A 142 -32.63 -26.04 -27.27
CA ASP A 142 -33.75 -26.30 -26.38
C ASP A 142 -33.59 -27.64 -25.66
N PHE A 143 -32.34 -28.04 -25.43
CA PHE A 143 -32.03 -29.25 -24.67
C PHE A 143 -31.74 -28.88 -23.22
N ASP A 144 -31.86 -29.89 -22.35
CA ASP A 144 -31.70 -29.73 -20.90
C ASP A 144 -30.21 -29.58 -20.58
N SER A 145 -29.92 -29.01 -19.40
CA SER A 145 -28.56 -28.77 -18.95
C SER A 145 -27.85 -30.09 -18.64
N GLN A 146 -28.61 -31.19 -18.63
CA GLN A 146 -28.08 -32.51 -18.39
C GLN A 146 -27.34 -33.02 -19.64
N THR A 147 -27.79 -32.56 -20.81
CA THR A 147 -27.26 -33.00 -22.09
C THR A 147 -25.84 -32.45 -22.28
N ASN A 148 -24.94 -33.33 -22.73
CA ASN A 148 -23.57 -32.97 -23.04
C ASN A 148 -23.39 -33.02 -24.56
N VAL A 149 -22.67 -32.02 -25.10
CA VAL A 149 -22.42 -31.95 -26.52
C VAL A 149 -20.94 -32.26 -26.77
N SER A 150 -20.70 -33.32 -27.55
CA SER A 150 -19.35 -33.79 -27.83
C SER A 150 -18.90 -33.27 -29.19
N GLN A 151 -17.58 -33.19 -29.37
CA GLN A 151 -16.97 -32.88 -30.66
C GLN A 151 -17.26 -34.01 -31.64
N SER A 152 -17.18 -33.70 -32.94
CA SER A 152 -17.39 -34.69 -33.97
C SER A 152 -16.16 -35.59 -34.11
N LYS A 153 -16.38 -36.81 -34.62
CA LYS A 153 -15.31 -37.73 -34.94
C LYS A 153 -14.65 -37.28 -36.26
N ASP A 154 -15.47 -36.72 -37.16
CA ASP A 154 -14.99 -36.13 -38.40
C ASP A 154 -14.35 -34.79 -38.08
N SER A 155 -13.11 -34.59 -38.59
CA SER A 155 -12.34 -33.40 -38.31
C SER A 155 -12.64 -32.30 -39.33
N ASP A 156 -13.51 -32.61 -40.28
CA ASP A 156 -13.99 -31.63 -41.25
C ASP A 156 -15.35 -31.08 -40.79
N VAL A 157 -15.85 -31.62 -39.67
CA VAL A 157 -17.07 -31.14 -39.04
C VAL A 157 -16.67 -30.35 -37.80
N TYR A 158 -17.35 -29.21 -37.57
CA TYR A 158 -17.08 -28.35 -36.43
C TYR A 158 -18.32 -28.24 -35.56
N ILE A 159 -18.13 -28.45 -34.25
CA ILE A 159 -19.21 -28.33 -33.29
C ILE A 159 -18.74 -27.43 -32.15
N THR A 160 -19.57 -26.43 -31.84
CA THR A 160 -19.30 -25.52 -30.74
C THR A 160 -19.66 -26.20 -29.41
N ASP A 161 -19.12 -25.68 -28.31
CA ASP A 161 -19.58 -26.08 -26.99
C ASP A 161 -20.95 -25.44 -26.75
N LYS A 162 -21.73 -26.05 -25.84
CA LYS A 162 -23.06 -25.55 -25.55
C LYS A 162 -22.98 -24.17 -24.91
N CYS A 163 -24.01 -23.36 -25.16
CA CYS A 163 -24.09 -21.99 -24.73
C CYS A 163 -25.54 -21.64 -24.42
N VAL A 164 -25.77 -20.87 -23.35
CA VAL A 164 -27.12 -20.53 -22.93
C VAL A 164 -27.38 -19.04 -23.17
N LEU A 165 -28.50 -18.74 -23.83
CA LEU A 165 -28.94 -17.37 -24.02
C LEU A 165 -30.15 -17.09 -23.13
N ASP A 166 -30.40 -15.80 -22.87
CA ASP A 166 -31.46 -15.36 -21.99
C ASP A 166 -32.26 -14.27 -22.68
N MET A 167 -33.51 -14.61 -23.03
CA MET A 167 -34.47 -13.66 -23.54
C MET A 167 -35.19 -13.04 -22.34
N ARG A 168 -34.62 -11.93 -21.84
CA ARG A 168 -34.94 -11.37 -20.54
C ARG A 168 -36.42 -10.98 -20.46
N SER A 169 -36.92 -10.35 -21.53
CA SER A 169 -38.27 -9.78 -21.55
C SER A 169 -39.33 -10.88 -21.45
N MET A 170 -38.99 -12.09 -21.89
CA MET A 170 -39.92 -13.20 -21.89
C MET A 170 -39.67 -14.11 -20.70
N ASP A 171 -38.59 -13.84 -19.95
CA ASP A 171 -38.15 -14.69 -18.85
C ASP A 171 -37.99 -16.12 -19.37
N PHE A 172 -37.08 -16.27 -20.35
CA PHE A 172 -36.89 -17.53 -21.06
C PHE A 172 -35.40 -17.75 -21.30
N LYS A 173 -34.94 -18.98 -21.02
CA LYS A 173 -33.56 -19.38 -21.26
C LYS A 173 -33.54 -20.67 -22.06
N SER A 174 -32.55 -20.80 -22.96
CA SER A 174 -32.39 -22.00 -23.77
C SER A 174 -30.93 -22.24 -24.11
N ASN A 175 -30.55 -23.53 -24.11
CA ASN A 175 -29.23 -23.98 -24.50
C ASN A 175 -29.21 -24.18 -26.01
N SER A 176 -28.02 -24.06 -26.61
CA SER A 176 -27.84 -24.36 -28.02
C SER A 176 -26.40 -24.75 -28.32
N ALA A 177 -26.21 -25.45 -29.44
CA ALA A 177 -24.91 -25.73 -30.01
C ALA A 177 -25.03 -25.72 -31.53
N VAL A 178 -23.92 -25.42 -32.21
CA VAL A 178 -23.94 -25.23 -33.65
C VAL A 178 -22.92 -26.20 -34.27
N ALA A 179 -23.28 -26.75 -35.42
CA ALA A 179 -22.40 -27.62 -36.19
C ALA A 179 -22.48 -27.24 -37.67
N TRP A 180 -21.32 -27.24 -38.33
CA TRP A 180 -21.21 -26.96 -39.75
C TRP A 180 -20.04 -27.75 -40.35
N SER A 181 -20.01 -27.85 -41.68
CA SER A 181 -19.01 -28.62 -42.40
C SER A 181 -19.05 -28.28 -43.89
N ASN A 182 -18.45 -29.15 -44.71
CA ASN A 182 -18.49 -29.08 -46.16
C ASN A 182 -17.94 -30.39 -46.76
N PHE A 186 -22.87 -33.59 -45.59
CA PHE A 186 -23.15 -33.29 -44.19
C PHE A 186 -24.63 -32.97 -44.02
N ALA A 187 -25.30 -33.74 -43.14
CA ALA A 187 -26.70 -33.58 -42.85
C ALA A 187 -26.88 -33.31 -41.35
N CYS A 188 -27.98 -32.63 -41.00
CA CYS A 188 -28.27 -32.26 -39.63
C CYS A 188 -28.66 -33.50 -38.81
N ALA A 189 -29.09 -34.55 -39.51
CA ALA A 189 -29.45 -35.81 -38.87
C ALA A 189 -28.21 -36.51 -38.33
N ASN A 190 -27.06 -36.23 -38.95
CA ASN A 190 -25.82 -36.93 -38.66
C ASN A 190 -24.89 -36.04 -37.83
N ALA A 191 -25.27 -34.78 -37.64
CA ALA A 191 -24.41 -33.76 -37.08
C ALA A 191 -23.97 -34.12 -35.66
N PHE A 192 -24.92 -34.54 -34.83
CA PHE A 192 -24.66 -34.74 -33.41
C PHE A 192 -24.70 -36.22 -33.04
N ASN A 193 -24.26 -37.07 -33.99
CA ASN A 193 -24.28 -38.52 -33.83
C ASN A 193 -23.35 -38.96 -32.71
N ASN A 194 -22.29 -38.18 -32.47
CA ASN A 194 -21.27 -38.53 -31.50
C ASN A 194 -21.64 -38.01 -30.11
N SER A 195 -22.85 -37.43 -30.00
CA SER A 195 -23.37 -36.92 -28.74
C SER A 195 -24.51 -37.81 -28.25
N ILE A 196 -24.62 -37.94 -26.92
CA ILE A 196 -25.78 -38.58 -26.31
C ILE A 196 -26.87 -37.53 -26.20
N ILE A 197 -27.76 -37.51 -27.19
CA ILE A 197 -28.85 -36.54 -27.27
C ILE A 197 -30.14 -37.21 -26.81
N PRO A 198 -31.12 -36.46 -26.26
CA PRO A 198 -32.42 -37.02 -25.89
C PRO A 198 -33.07 -37.78 -27.04
N GLU A 199 -33.91 -38.75 -26.70
CA GLU A 199 -34.51 -39.63 -27.70
C GLU A 199 -35.68 -38.92 -28.37
N ASP A 200 -36.25 -37.92 -27.69
CA ASP A 200 -37.44 -37.21 -28.15
C ASP A 200 -37.05 -36.00 -29.00
N THR A 201 -35.76 -35.91 -29.35
CA THR A 201 -35.23 -34.81 -30.14
C THR A 201 -35.97 -34.70 -31.46
N PHE A 202 -36.46 -33.49 -31.76
CA PHE A 202 -37.21 -33.20 -32.98
C PHE A 202 -36.24 -32.99 -34.14
N PHE A 203 -36.38 -33.83 -35.17
CA PHE A 203 -35.69 -33.65 -36.43
C PHE A 203 -36.72 -33.38 -37.53
N PRO A 204 -36.99 -32.09 -37.87
CA PRO A 204 -37.99 -31.76 -38.89
C PRO A 204 -37.62 -32.32 -40.27
N SER A 205 -38.66 -32.68 -41.03
CA SER A 205 -38.51 -33.33 -42.33
C SER A 205 -37.82 -32.40 -43.33
N GLU B 2 -19.43 7.46 -10.45
CA GLU B 2 -19.42 8.73 -11.23
C GLU B 2 -18.02 8.96 -11.81
N ALA B 3 -16.99 8.63 -11.02
CA ALA B 3 -15.60 8.81 -11.42
C ALA B 3 -15.19 7.71 -12.40
N ALA B 4 -15.19 8.04 -13.69
CA ALA B 4 -14.95 7.08 -14.76
C ALA B 4 -13.54 7.22 -15.30
N VAL B 5 -12.97 6.08 -15.72
CA VAL B 5 -11.65 6.00 -16.31
C VAL B 5 -11.76 5.26 -17.64
N THR B 6 -11.08 5.77 -18.67
CA THR B 6 -11.12 5.17 -19.99
C THR B 6 -9.73 4.70 -20.40
N GLN B 7 -9.69 3.62 -21.18
CA GLN B 7 -8.44 3.05 -21.69
C GLN B 7 -8.53 2.93 -23.21
N SER B 8 -7.40 3.20 -23.87
CA SER B 8 -7.28 2.99 -25.30
C SER B 8 -5.87 2.51 -25.63
N PRO B 9 -5.75 1.57 -26.59
CA PRO B 9 -6.89 0.91 -27.21
C PRO B 9 -7.46 -0.13 -26.23
N ARG B 10 -8.57 -0.75 -26.62
CA ARG B 10 -9.24 -1.71 -25.76
C ARG B 10 -8.71 -3.11 -26.07
N ASN B 11 -8.09 -3.26 -27.25
CA ASN B 11 -7.57 -4.52 -27.73
C ASN B 11 -6.47 -4.24 -28.75
N LYS B 12 -5.36 -4.98 -28.65
CA LYS B 12 -4.18 -4.69 -29.46
C LYS B 12 -3.42 -5.98 -29.76
N VAL B 13 -3.09 -6.15 -31.05
CA VAL B 13 -2.19 -7.19 -31.53
C VAL B 13 -0.89 -6.52 -31.97
N ALA B 14 0.23 -7.03 -31.45
CA ALA B 14 1.54 -6.43 -31.67
C ALA B 14 2.57 -7.50 -31.99
N VAL B 15 3.70 -7.08 -32.54
CA VAL B 15 4.80 -7.99 -32.88
C VAL B 15 5.94 -7.81 -31.88
N THR B 16 6.67 -8.90 -31.62
CA THR B 16 7.88 -8.89 -30.83
C THR B 16 8.83 -7.82 -31.37
N GLY B 17 9.39 -7.01 -30.46
CA GLY B 17 10.36 -5.98 -30.81
C GLY B 17 9.69 -4.66 -31.18
N GLY B 18 8.37 -4.71 -31.41
CA GLY B 18 7.58 -3.53 -31.74
C GLY B 18 7.36 -2.65 -30.51
N LYS B 19 6.86 -1.43 -30.76
CA LYS B 19 6.55 -0.48 -29.71
C LYS B 19 5.04 -0.45 -29.51
N VAL B 20 4.62 -0.47 -28.24
CA VAL B 20 3.21 -0.44 -27.87
C VAL B 20 3.01 0.62 -26.79
N THR B 21 2.00 1.47 -26.98
CA THR B 21 1.62 2.46 -25.98
C THR B 21 0.19 2.19 -25.55
N LEU B 22 0.00 1.96 -24.25
CA LEU B 22 -1.32 1.83 -23.68
C LEU B 22 -1.67 3.13 -22.97
N SER B 23 -2.83 3.70 -23.33
CA SER B 23 -3.22 5.02 -22.84
C SER B 23 -4.37 4.90 -21.84
N CYS B 24 -4.35 5.81 -20.86
CA CYS B 24 -5.36 5.88 -19.82
C CYS B 24 -5.77 7.33 -19.63
N ASN B 25 -7.07 7.61 -19.75
CA ASN B 25 -7.59 8.96 -19.59
C ASN B 25 -8.61 9.00 -18.44
N GLN B 26 -8.53 10.09 -17.65
CA GLN B 26 -9.34 10.28 -16.47
C GLN B 26 -9.64 11.78 -16.33
N THR B 27 -10.92 12.12 -16.18
CA THR B 27 -11.35 13.52 -16.10
C THR B 27 -11.91 13.85 -14.73
N ASN B 28 -11.35 13.21 -13.68
CA ASN B 28 -11.86 13.37 -12.33
C ASN B 28 -10.96 14.32 -11.53
N ASN B 29 -9.86 14.75 -12.16
CA ASN B 29 -8.83 15.58 -11.56
C ASN B 29 -8.17 14.83 -10.39
N HIS B 30 -7.98 13.52 -10.57
CA HIS B 30 -7.26 12.69 -9.62
C HIS B 30 -5.77 12.85 -9.83
N ASN B 31 -5.04 13.07 -8.73
CA ASN B 31 -3.58 13.16 -8.78
C ASN B 31 -2.98 11.80 -9.17
N ASN B 32 -3.60 10.72 -8.68
CA ASN B 32 -2.93 9.43 -8.61
C ASN B 32 -3.46 8.48 -9.68
N MET B 33 -2.55 7.83 -10.41
CA MET B 33 -2.92 6.86 -11.43
C MET B 33 -1.99 5.65 -11.36
N TYR B 34 -2.51 4.48 -11.75
CA TYR B 34 -1.86 3.20 -11.50
C TYR B 34 -2.08 2.27 -12.68
N TRP B 35 -1.01 1.57 -13.09
CA TRP B 35 -1.09 0.56 -14.13
C TRP B 35 -0.88 -0.83 -13.52
N TYR B 36 -1.76 -1.76 -13.89
CA TYR B 36 -1.70 -3.13 -13.42
C TYR B 36 -1.77 -4.08 -14.62
N ARG B 37 -1.26 -5.30 -14.45
CA ARG B 37 -1.53 -6.38 -15.39
C ARG B 37 -2.13 -7.58 -14.65
N GLN B 38 -3.07 -8.25 -15.33
CA GLN B 38 -3.76 -9.41 -14.79
C GLN B 38 -3.42 -10.64 -15.63
N ASP B 39 -2.88 -11.65 -14.95
CA ASP B 39 -2.52 -12.92 -15.57
C ASP B 39 -3.08 -14.06 -14.73
N THR B 40 -3.49 -15.14 -15.41
CA THR B 40 -4.10 -16.30 -14.77
C THR B 40 -3.16 -16.85 -13.70
N GLY B 41 -3.75 -17.22 -12.56
CA GLY B 41 -3.00 -17.75 -11.43
C GLY B 41 -2.37 -16.65 -10.58
N HIS B 42 -2.66 -15.39 -10.92
CA HIS B 42 -2.17 -14.22 -10.21
C HIS B 42 -3.29 -13.22 -10.01
N GLY B 43 -3.20 -12.45 -8.92
CA GLY B 43 -3.98 -11.23 -8.78
C GLY B 43 -3.39 -10.12 -9.64
N LEU B 44 -4.09 -8.98 -9.73
CA LEU B 44 -3.57 -7.82 -10.43
C LEU B 44 -2.24 -7.43 -9.79
N ARG B 45 -1.24 -7.14 -10.64
CA ARG B 45 0.08 -6.76 -10.17
C ARG B 45 0.46 -5.37 -10.69
N LEU B 46 0.93 -4.52 -9.77
CA LEU B 46 1.24 -3.12 -10.04
C LEU B 46 2.53 -3.03 -10.84
N ILE B 47 2.48 -2.29 -11.96
CA ILE B 47 3.61 -2.12 -12.85
C ILE B 47 4.27 -0.77 -12.57
N HIS B 48 3.47 0.29 -12.70
CA HIS B 48 3.90 1.66 -12.52
C HIS B 48 2.74 2.48 -11.97
N TYR B 49 3.07 3.54 -11.23
CA TYR B 49 2.06 4.46 -10.75
C TYR B 49 2.58 5.90 -10.84
N SER B 50 1.72 6.86 -10.53
CA SER B 50 2.06 8.27 -10.66
C SER B 50 1.27 9.08 -9.62
N TYR B 51 1.98 10.01 -8.96
CA TYR B 51 1.38 10.88 -7.97
C TYR B 51 1.03 12.24 -8.58
N GLY B 52 1.30 12.41 -9.88
CA GLY B 52 0.98 13.65 -10.57
C GLY B 52 1.76 13.81 -11.88
N ALA B 53 1.45 14.89 -12.61
CA ALA B 53 2.08 15.20 -13.88
C ALA B 53 3.60 15.25 -13.70
N GLY B 54 4.32 14.56 -14.59
CA GLY B 54 5.77 14.54 -14.57
C GLY B 54 6.33 13.45 -13.66
N SER B 55 5.46 12.88 -12.81
CA SER B 55 5.85 11.85 -11.86
C SER B 55 5.50 10.47 -12.41
N THR B 56 6.47 9.55 -12.35
CA THR B 56 6.23 8.14 -12.57
C THR B 56 7.06 7.37 -11.56
N GLU B 57 6.49 6.27 -11.04
CA GLU B 57 7.13 5.48 -10.01
C GLU B 57 7.05 4.00 -10.39
N LYS B 58 8.12 3.26 -10.04
CA LYS B 58 8.18 1.83 -10.29
C LYS B 58 7.25 1.10 -9.31
N GLY B 59 6.44 0.20 -9.86
CA GLY B 59 5.59 -0.69 -9.07
C GLY B 59 6.34 -1.95 -8.65
N ASP B 60 5.63 -3.09 -8.68
CA ASP B 60 6.19 -4.35 -8.24
C ASP B 60 6.92 -5.04 -9.39
N ILE B 61 6.39 -4.89 -10.61
CA ILE B 61 6.94 -5.58 -11.77
C ILE B 61 7.14 -4.59 -12.92
N PRO B 62 8.05 -3.60 -12.78
CA PRO B 62 8.23 -2.56 -13.79
C PRO B 62 9.10 -2.93 -14.99
N ASP B 63 9.81 -4.07 -14.92
CA ASP B 63 10.77 -4.45 -15.93
C ASP B 63 10.10 -4.64 -17.28
N GLY B 64 10.62 -3.93 -18.30
CA GLY B 64 10.15 -4.05 -19.66
C GLY B 64 9.06 -3.04 -19.97
N TYR B 65 8.74 -2.19 -18.98
CA TYR B 65 7.72 -1.18 -19.11
C TYR B 65 8.30 0.19 -18.76
N LYS B 66 7.79 1.21 -19.44
CA LYS B 66 8.07 2.60 -19.15
C LYS B 66 6.74 3.32 -18.96
N ALA B 67 6.68 4.26 -18.00
CA ALA B 67 5.47 5.00 -17.73
C ALA B 67 5.65 6.46 -18.13
N SER B 68 4.53 7.14 -18.39
CA SER B 68 4.55 8.52 -18.83
C SER B 68 3.31 9.24 -18.30
N ARG B 69 3.55 10.33 -17.55
CA ARG B 69 2.47 11.16 -17.05
C ARG B 69 2.64 12.59 -17.56
N PRO B 70 2.27 12.87 -18.84
CA PRO B 70 2.47 14.20 -19.42
C PRO B 70 1.51 15.25 -18.87
N SER B 71 0.35 14.79 -18.38
CA SER B 71 -0.67 15.67 -17.82
C SER B 71 -1.43 14.94 -16.71
N GLN B 72 -2.29 15.68 -15.99
CA GLN B 72 -3.11 15.15 -14.92
C GLN B 72 -4.07 14.09 -15.46
N GLU B 73 -4.53 14.29 -16.71
CA GLU B 73 -5.58 13.49 -17.31
C GLU B 73 -5.04 12.15 -17.83
N ASN B 74 -3.78 12.13 -18.27
CA ASN B 74 -3.30 11.03 -19.09
C ASN B 74 -2.11 10.33 -18.44
N PHE B 75 -2.21 8.99 -18.36
CA PHE B 75 -1.14 8.13 -17.88
C PHE B 75 -0.91 7.04 -18.92
N SER B 76 0.31 6.99 -19.46
CA SER B 76 0.63 6.06 -20.53
C SER B 76 1.57 4.96 -20.05
N LEU B 77 1.34 3.74 -20.56
CA LEU B 77 2.25 2.63 -20.35
C LEU B 77 2.89 2.28 -21.69
N ILE B 78 4.22 2.33 -21.72
CA ILE B 78 4.99 2.21 -22.94
C ILE B 78 5.81 0.92 -22.89
N LEU B 79 5.60 0.08 -23.90
CA LEU B 79 6.40 -1.11 -24.14
C LEU B 79 7.33 -0.81 -25.31
N GLU B 80 8.59 -0.52 -25.00
CA GLU B 80 9.56 -0.07 -25.98
C GLU B 80 9.89 -1.21 -26.95
N LEU B 81 10.19 -2.39 -26.39
CA LEU B 81 10.49 -3.58 -27.17
C LEU B 81 9.62 -4.72 -26.66
N ALA B 82 8.44 -4.87 -27.28
CA ALA B 82 7.40 -5.78 -26.83
C ALA B 82 7.89 -7.22 -26.87
N THR B 83 7.51 -8.00 -25.86
CA THR B 83 7.81 -9.42 -25.79
C THR B 83 6.52 -10.21 -25.58
N PRO B 84 6.44 -11.48 -26.02
CA PRO B 84 5.27 -12.33 -25.77
C PRO B 84 4.86 -12.45 -24.31
N SER B 85 5.83 -12.29 -23.40
CA SER B 85 5.59 -12.38 -21.97
C SER B 85 4.75 -11.20 -21.49
N GLN B 86 4.53 -10.22 -22.37
CA GLN B 86 3.75 -9.04 -22.05
C GLN B 86 2.32 -9.19 -22.58
N THR B 87 2.02 -10.34 -23.18
CA THR B 87 0.66 -10.72 -23.50
C THR B 87 -0.12 -10.83 -22.19
N SER B 88 -1.15 -9.99 -22.03
CA SER B 88 -1.84 -9.85 -20.77
C SER B 88 -3.07 -8.95 -20.92
N VAL B 89 -3.80 -8.79 -19.82
CA VAL B 89 -4.86 -7.80 -19.73
C VAL B 89 -4.39 -6.70 -18.78
N TYR B 90 -4.42 -5.46 -19.26
CA TYR B 90 -3.86 -4.33 -18.53
C TYR B 90 -5.00 -3.46 -18.00
N PHE B 91 -4.92 -3.14 -16.70
CA PHE B 91 -5.92 -2.29 -16.07
C PHE B 91 -5.24 -1.05 -15.53
N CYS B 92 -5.84 0.11 -15.85
CA CYS B 92 -5.43 1.38 -15.31
C CYS B 92 -6.44 1.79 -14.25
N ALA B 93 -5.97 2.52 -13.24
CA ALA B 93 -6.83 3.03 -12.19
C ALA B 93 -6.41 4.46 -11.82
N SER B 94 -7.33 5.20 -11.21
CA SER B 94 -7.04 6.52 -10.66
C SER B 94 -7.70 6.67 -9.29
N GLY B 95 -7.23 7.65 -8.52
CA GLY B 95 -7.79 7.95 -7.21
C GLY B 95 -7.29 9.28 -6.67
N ASP B 96 -8.02 9.82 -5.68
CA ASP B 96 -7.56 11.00 -4.96
C ASP B 96 -6.78 10.55 -3.73
N GLU B 97 -6.90 11.30 -2.64
CA GLU B 97 -6.13 11.04 -1.43
C GLU B 97 -6.69 9.82 -0.68
N GLY B 98 -7.96 9.48 -0.96
CA GLY B 98 -8.62 8.33 -0.36
C GLY B 98 -8.08 6.99 -0.88
N TYR B 99 -8.59 5.89 -0.34
CA TYR B 99 -8.01 4.58 -0.58
C TYR B 99 -8.60 3.90 -1.81
N THR B 100 -9.74 4.41 -2.30
CA THR B 100 -10.43 3.80 -3.43
C THR B 100 -9.66 4.06 -4.72
N GLN B 101 -9.46 2.99 -5.50
CA GLN B 101 -8.95 3.10 -6.85
C GLN B 101 -10.09 2.78 -7.82
N TYR B 102 -10.24 3.63 -8.85
CA TYR B 102 -11.28 3.46 -9.85
C TYR B 102 -10.66 2.87 -11.12
N PHE B 103 -11.08 1.65 -11.44
CA PHE B 103 -10.45 0.89 -12.50
C PHE B 103 -11.10 1.18 -13.85
N GLY B 104 -10.27 1.23 -14.88
CA GLY B 104 -10.72 1.29 -16.26
C GLY B 104 -11.21 -0.08 -16.73
N PRO B 105 -11.74 -0.19 -17.98
CA PRO B 105 -12.34 -1.44 -18.46
C PRO B 105 -11.35 -2.50 -18.92
N GLY B 106 -10.07 -2.13 -19.01
CA GLY B 106 -9.02 -3.08 -19.33
C GLY B 106 -8.64 -3.06 -20.81
N THR B 107 -7.40 -3.53 -21.09
CA THR B 107 -6.86 -3.59 -22.44
C THR B 107 -6.24 -4.97 -22.65
N ARG B 108 -6.70 -5.68 -23.67
CA ARG B 108 -6.14 -6.98 -24.00
C ARG B 108 -5.01 -6.79 -25.00
N LEU B 109 -3.81 -7.21 -24.60
CA LEU B 109 -2.64 -7.15 -25.46
C LEU B 109 -2.18 -8.57 -25.80
N LEU B 110 -1.94 -8.81 -27.08
CA LEU B 110 -1.30 -10.03 -27.53
C LEU B 110 -0.07 -9.66 -28.35
N VAL B 111 1.08 -10.17 -27.94
CA VAL B 111 2.33 -9.97 -28.66
C VAL B 111 2.68 -11.28 -29.36
N LEU B 112 2.60 -11.25 -30.70
CA LEU B 112 2.95 -12.40 -31.53
C LEU B 112 4.43 -12.34 -31.89
N GLU B 113 5.00 -13.50 -32.20
CA GLU B 113 6.38 -13.61 -32.67
C GLU B 113 6.48 -12.96 -34.05
N ASP B 114 5.42 -13.16 -34.85
CA ASP B 114 5.41 -12.78 -36.26
C ASP B 114 3.96 -12.47 -36.67
N LEU B 115 3.80 -11.59 -37.66
CA LEU B 115 2.49 -11.09 -38.05
C LEU B 115 2.02 -11.76 -39.35
N ARG B 116 2.75 -12.77 -39.83
CA ARG B 116 2.59 -13.27 -41.18
C ARG B 116 1.24 -13.97 -41.37
N ASN B 117 0.64 -14.45 -40.26
CA ASN B 117 -0.52 -15.32 -40.34
C ASN B 117 -1.81 -14.54 -40.04
N VAL B 118 -1.68 -13.24 -39.75
CA VAL B 118 -2.82 -12.43 -39.37
C VAL B 118 -3.79 -12.34 -40.56
N THR B 119 -5.07 -12.62 -40.29
CA THR B 119 -6.10 -12.70 -41.32
C THR B 119 -7.44 -12.27 -40.71
N PRO B 120 -8.21 -11.38 -41.37
CA PRO B 120 -9.52 -10.98 -40.89
C PRO B 120 -10.56 -12.08 -41.16
N PRO B 121 -11.69 -12.11 -40.42
CA PRO B 121 -12.71 -13.14 -40.63
C PRO B 121 -13.54 -12.92 -41.89
N LYS B 122 -14.16 -14.01 -42.37
CA LYS B 122 -15.35 -13.93 -43.19
C LYS B 122 -16.54 -14.07 -42.24
N VAL B 123 -17.60 -13.28 -42.48
CA VAL B 123 -18.77 -13.35 -41.63
C VAL B 123 -19.97 -13.74 -42.48
N SER B 124 -20.70 -14.75 -42.01
CA SER B 124 -21.97 -15.15 -42.60
C SER B 124 -23.07 -15.09 -41.54
N LEU B 125 -24.26 -14.67 -41.97
CA LEU B 125 -25.46 -14.69 -41.14
C LEU B 125 -26.39 -15.78 -41.64
N PHE B 126 -26.80 -16.66 -40.72
CA PHE B 126 -27.70 -17.76 -41.03
C PHE B 126 -29.09 -17.43 -40.51
N GLU B 127 -30.08 -17.51 -41.41
CA GLU B 127 -31.44 -17.08 -41.15
C GLU B 127 -32.21 -18.18 -40.43
N PRO B 128 -33.21 -17.83 -39.58
CA PRO B 128 -33.98 -18.82 -38.83
C PRO B 128 -34.70 -19.83 -39.71
N SER B 129 -34.86 -21.06 -39.21
CA SER B 129 -35.57 -22.10 -39.92
C SER B 129 -37.07 -21.95 -39.67
N LYS B 130 -37.86 -22.16 -40.75
CA LYS B 130 -39.31 -22.12 -40.70
C LYS B 130 -39.84 -23.16 -39.71
N ALA B 131 -39.13 -24.29 -39.62
CA ALA B 131 -39.47 -25.38 -38.73
C ALA B 131 -39.42 -24.91 -37.28
N GLU B 132 -38.35 -24.18 -36.93
CA GLU B 132 -38.16 -23.65 -35.58
C GLU B 132 -39.32 -22.72 -35.24
N ILE B 133 -39.64 -21.82 -36.19
CA ILE B 133 -40.69 -20.82 -36.03
C ILE B 133 -42.02 -21.53 -35.78
N SER B 134 -42.28 -22.61 -36.52
CA SER B 134 -43.52 -23.37 -36.40
C SER B 134 -43.59 -24.07 -35.05
N HIS B 135 -42.45 -24.56 -34.57
CA HIS B 135 -42.38 -25.44 -33.41
C HIS B 135 -42.37 -24.66 -32.11
N THR B 136 -41.73 -23.47 -32.11
CA THR B 136 -41.42 -22.78 -30.86
C THR B 136 -42.04 -21.38 -30.82
N GLN B 137 -42.34 -20.83 -32.01
CA GLN B 137 -42.76 -19.44 -32.17
C GLN B 137 -41.60 -18.51 -31.86
N LYS B 138 -40.38 -19.04 -31.99
CA LYS B 138 -39.16 -18.26 -31.80
C LYS B 138 -38.27 -18.42 -33.04
N ALA B 139 -37.36 -17.47 -33.23
CA ALA B 139 -36.49 -17.43 -34.39
C ALA B 139 -35.05 -17.18 -33.94
N THR B 140 -34.18 -18.15 -34.23
CA THR B 140 -32.76 -18.04 -33.90
C THR B 140 -31.97 -17.71 -35.17
N LEU B 141 -31.22 -16.61 -35.11
CA LEU B 141 -30.23 -16.27 -36.12
C LEU B 141 -28.86 -16.75 -35.64
N VAL B 142 -28.08 -17.33 -36.55
CA VAL B 142 -26.74 -17.76 -36.21
C VAL B 142 -25.73 -16.97 -37.05
N CYS B 143 -24.71 -16.46 -36.37
CA CYS B 143 -23.62 -15.73 -37.00
C CYS B 143 -22.35 -16.56 -36.91
N LEU B 144 -21.61 -16.62 -38.02
CA LEU B 144 -20.42 -17.46 -38.11
C LEU B 144 -19.27 -16.65 -38.69
N ALA B 145 -18.24 -16.42 -37.85
CA ALA B 145 -17.00 -15.80 -38.27
C ALA B 145 -15.94 -16.88 -38.44
N THR B 146 -15.26 -16.88 -39.59
CA THR B 146 -14.38 -17.97 -39.95
C THR B 146 -13.09 -17.45 -40.59
N GLY B 147 -12.00 -18.21 -40.39
CA GLY B 147 -10.76 -18.05 -41.12
C GLY B 147 -9.90 -16.89 -40.61
N PHE B 148 -10.10 -16.51 -39.33
CA PHE B 148 -9.39 -15.36 -38.78
C PHE B 148 -8.23 -15.81 -37.89
N TYR B 149 -7.19 -14.97 -37.84
CA TYR B 149 -6.05 -15.12 -36.94
C TYR B 149 -5.51 -13.72 -36.62
N PRO B 150 -5.20 -13.44 -35.34
CA PRO B 150 -5.40 -14.35 -34.23
C PRO B 150 -6.82 -14.29 -33.66
N ASP B 151 -6.99 -14.67 -32.39
CA ASP B 151 -8.32 -14.94 -31.84
C ASP B 151 -8.90 -13.71 -31.15
N HIS B 152 -8.44 -12.51 -31.54
CA HIS B 152 -8.87 -11.27 -30.90
C HIS B 152 -9.99 -10.62 -31.70
N VAL B 153 -11.24 -11.07 -31.44
CA VAL B 153 -12.41 -10.52 -32.09
C VAL B 153 -13.47 -10.18 -31.04
N GLU B 154 -14.29 -9.17 -31.34
CA GLU B 154 -15.50 -8.88 -30.58
C GLU B 154 -16.69 -9.00 -31.52
N LEU B 155 -17.59 -9.96 -31.21
CA LEU B 155 -18.80 -10.16 -31.99
C LEU B 155 -19.97 -9.49 -31.28
N SER B 156 -20.77 -8.74 -32.04
CA SER B 156 -21.94 -8.05 -31.47
C SER B 156 -23.11 -8.08 -32.44
N TRP B 157 -24.32 -8.00 -31.89
CA TRP B 157 -25.56 -8.04 -32.64
C TRP B 157 -26.23 -6.67 -32.67
N TRP B 158 -26.74 -6.30 -33.86
CA TRP B 158 -27.33 -4.99 -34.07
C TRP B 158 -28.68 -5.14 -34.76
N VAL B 159 -29.70 -4.57 -34.13
CA VAL B 159 -31.04 -4.51 -34.70
C VAL B 159 -31.40 -3.05 -34.90
N ASN B 160 -31.57 -2.66 -36.17
CA ASN B 160 -31.94 -1.32 -36.57
C ASN B 160 -30.93 -0.30 -36.06
N GLY B 161 -29.65 -0.64 -36.17
CA GLY B 161 -28.56 0.28 -35.85
C GLY B 161 -28.36 0.44 -34.35
N LYS B 162 -28.94 -0.47 -33.56
CA LYS B 162 -28.75 -0.47 -32.12
C LYS B 162 -28.37 -1.87 -31.65
N GLU B 163 -27.36 -1.94 -30.78
CA GLU B 163 -26.82 -3.19 -30.28
C GLU B 163 -27.84 -3.85 -29.35
N VAL B 164 -27.99 -5.17 -29.50
CA VAL B 164 -28.87 -5.95 -28.64
C VAL B 164 -28.02 -6.92 -27.83
N HIS B 165 -28.41 -7.10 -26.56
CA HIS B 165 -27.73 -8.01 -25.66
C HIS B 165 -28.66 -9.15 -25.25
N SER B 166 -29.96 -8.82 -25.14
CA SER B 166 -30.97 -9.80 -24.75
C SER B 166 -31.11 -10.84 -25.86
N GLY B 167 -31.20 -12.12 -25.44
CA GLY B 167 -31.40 -13.24 -26.35
C GLY B 167 -30.16 -13.54 -27.20
N VAL B 168 -29.00 -13.14 -26.68
CA VAL B 168 -27.74 -13.33 -27.39
C VAL B 168 -26.86 -14.29 -26.58
N CYS B 169 -26.12 -15.14 -27.28
CA CYS B 169 -25.02 -15.85 -26.63
C CYS B 169 -23.96 -16.22 -27.66
N THR B 170 -22.69 -15.94 -27.30
CA THR B 170 -21.54 -16.13 -28.16
C THR B 170 -20.61 -17.16 -27.52
N ASP B 171 -20.05 -18.04 -28.35
CA ASP B 171 -19.07 -19.03 -27.91
C ASP B 171 -18.06 -18.36 -26.99
N PRO B 172 -17.68 -18.99 -25.85
CA PRO B 172 -16.76 -18.37 -24.89
C PRO B 172 -15.40 -18.11 -25.54
N GLN B 173 -14.99 -19.02 -26.43
CA GLN B 173 -13.72 -18.92 -27.13
C GLN B 173 -13.87 -19.41 -28.56
N PRO B 174 -13.13 -18.82 -29.52
CA PRO B 174 -13.07 -19.36 -30.89
C PRO B 174 -12.48 -20.77 -30.90
N LEU B 175 -12.93 -21.59 -31.84
CA LEU B 175 -12.37 -22.92 -32.01
C LEU B 175 -11.45 -22.94 -33.23
N LYS B 176 -10.49 -23.88 -33.23
CA LYS B 176 -9.47 -23.96 -34.26
C LYS B 176 -9.99 -24.80 -35.42
N GLU B 177 -9.76 -24.30 -36.65
CA GLU B 177 -10.23 -24.93 -37.87
C GLU B 177 -9.30 -26.09 -38.24
N GLN B 178 -8.00 -25.91 -37.96
CA GLN B 178 -7.00 -26.93 -38.20
C GLN B 178 -6.15 -27.12 -36.94
N PRO B 179 -6.62 -27.93 -35.96
CA PRO B 179 -5.90 -28.11 -34.70
C PRO B 179 -4.52 -28.74 -34.86
N ALA B 180 -4.31 -29.42 -35.99
CA ALA B 180 -3.07 -30.11 -36.28
C ALA B 180 -1.97 -29.12 -36.68
N LEU B 181 -2.36 -28.00 -37.29
CA LEU B 181 -1.41 -27.06 -37.88
C LEU B 181 -0.94 -26.05 -36.83
N ASN B 182 0.19 -25.40 -37.15
CA ASN B 182 0.94 -24.56 -36.21
C ASN B 182 0.17 -23.30 -35.88
N ASP B 183 -0.22 -22.54 -36.91
CA ASP B 183 -0.93 -21.29 -36.71
C ASP B 183 -2.33 -21.40 -37.31
N SER B 184 -3.18 -22.20 -36.66
CA SER B 184 -4.52 -22.49 -37.11
C SER B 184 -5.36 -21.22 -37.13
N ARG B 185 -6.23 -21.10 -38.15
CA ARG B 185 -7.24 -20.07 -38.17
C ARG B 185 -8.36 -20.46 -37.20
N TYR B 186 -9.17 -19.46 -36.82
CA TYR B 186 -10.22 -19.66 -35.83
C TYR B 186 -11.59 -19.44 -36.48
N SER B 187 -12.60 -20.06 -35.88
CA SER B 187 -14.00 -19.79 -36.17
C SER B 187 -14.71 -19.44 -34.87
N LEU B 188 -15.69 -18.54 -34.97
CA LEU B 188 -16.51 -18.17 -33.83
C LEU B 188 -17.98 -18.09 -34.27
N SER B 189 -18.88 -18.58 -33.42
CA SER B 189 -20.29 -18.56 -33.71
C SER B 189 -21.04 -17.82 -32.60
N SER B 190 -22.22 -17.30 -32.95
CA SER B 190 -23.07 -16.58 -32.03
C SER B 190 -24.54 -16.77 -32.44
N ARG B 191 -25.43 -16.72 -31.46
CA ARG B 191 -26.85 -16.84 -31.71
C ARG B 191 -27.57 -15.60 -31.21
N LEU B 192 -28.58 -15.17 -31.98
CA LEU B 192 -29.57 -14.21 -31.52
C LEU B 192 -30.95 -14.84 -31.69
N ARG B 193 -31.70 -14.91 -30.59
CA ARG B 193 -33.02 -15.50 -30.61
C ARG B 193 -34.06 -14.42 -30.31
N VAL B 194 -35.04 -14.31 -31.20
CA VAL B 194 -36.12 -13.35 -31.07
C VAL B 194 -37.44 -14.11 -31.22
N SER B 195 -38.56 -13.42 -30.96
CA SER B 195 -39.88 -13.98 -31.23
C SER B 195 -40.11 -14.03 -32.74
N ALA B 196 -40.93 -14.98 -33.17
CA ALA B 196 -41.26 -15.17 -34.58
C ALA B 196 -41.74 -13.85 -35.19
N THR B 197 -42.59 -13.13 -34.45
CA THR B 197 -43.24 -11.93 -34.95
C THR B 197 -42.21 -10.82 -35.17
N PHE B 198 -41.16 -10.81 -34.35
CA PHE B 198 -40.09 -9.82 -34.47
C PHE B 198 -39.30 -10.08 -35.75
N TRP B 199 -38.98 -11.35 -36.00
CA TRP B 199 -38.26 -11.74 -37.20
C TRP B 199 -39.13 -11.58 -38.45
N GLN B 200 -40.44 -11.71 -38.28
CA GLN B 200 -41.37 -11.69 -39.41
C GLN B 200 -41.60 -10.26 -39.89
N ASN B 201 -41.24 -9.28 -39.05
CA ASN B 201 -41.41 -7.87 -39.36
C ASN B 201 -40.35 -7.44 -40.38
N PRO B 202 -40.75 -7.08 -41.62
CA PRO B 202 -39.80 -6.76 -42.68
C PRO B 202 -39.11 -5.41 -42.55
N ARG B 203 -39.40 -4.71 -41.45
CA ARG B 203 -38.78 -3.42 -41.19
C ARG B 203 -37.68 -3.58 -40.14
N ASN B 204 -37.51 -4.80 -39.63
CA ASN B 204 -36.43 -5.12 -38.71
C ASN B 204 -35.19 -5.53 -39.51
N HIS B 205 -34.12 -4.77 -39.33
CA HIS B 205 -32.85 -5.03 -39.98
C HIS B 205 -31.87 -5.64 -38.98
N PHE B 206 -31.41 -6.86 -39.28
CA PHE B 206 -30.53 -7.61 -38.40
C PHE B 206 -29.12 -7.60 -38.97
N ARG B 207 -28.14 -7.32 -38.10
CA ARG B 207 -26.75 -7.33 -38.49
C ARG B 207 -25.90 -8.00 -37.41
N CYS B 208 -25.02 -8.90 -37.85
CA CYS B 208 -23.96 -9.45 -37.01
C CYS B 208 -22.64 -8.76 -37.36
N GLN B 209 -21.95 -8.25 -36.34
CA GLN B 209 -20.73 -7.46 -36.54
C GLN B 209 -19.57 -8.12 -35.80
N VAL B 210 -18.46 -8.32 -36.52
CA VAL B 210 -17.23 -8.78 -35.91
C VAL B 210 -16.18 -7.68 -36.05
N GLN B 211 -15.77 -7.13 -34.91
CA GLN B 211 -14.62 -6.25 -34.82
C GLN B 211 -13.36 -7.11 -34.72
N PHE B 212 -12.49 -7.00 -35.73
CA PHE B 212 -11.26 -7.78 -35.79
C PHE B 212 -10.09 -6.89 -35.44
N TYR B 213 -9.18 -7.40 -34.59
CA TYR B 213 -7.96 -6.70 -34.24
C TYR B 213 -6.79 -7.34 -34.95
N GLY B 214 -6.09 -6.52 -35.75
CA GLY B 214 -4.95 -6.95 -36.54
C GLY B 214 -3.87 -5.87 -36.58
N LEU B 215 -3.36 -5.60 -37.79
CA LEU B 215 -2.25 -4.69 -37.98
C LEU B 215 -2.76 -3.25 -37.97
N SER B 216 -1.85 -2.32 -37.67
CA SER B 216 -2.12 -0.89 -37.80
C SER B 216 -1.66 -0.44 -39.20
N GLU B 217 -1.95 0.82 -39.52
CA GLU B 217 -1.62 1.39 -40.82
C GLU B 217 -0.10 1.49 -40.98
N ASN B 218 0.62 1.46 -39.86
CA ASN B 218 2.05 1.73 -39.84
C ASN B 218 2.85 0.44 -39.93
N ASP B 219 2.20 -0.70 -39.68
CA ASP B 219 2.86 -2.00 -39.71
C ASP B 219 3.29 -2.33 -41.13
N GLU B 220 4.49 -2.91 -41.28
CA GLU B 220 5.03 -3.28 -42.57
C GLU B 220 4.34 -4.55 -43.06
N TRP B 221 4.09 -4.62 -44.38
CA TRP B 221 3.43 -5.75 -44.98
C TRP B 221 4.10 -6.08 -46.33
N THR B 222 4.63 -7.30 -46.43
CA THR B 222 5.42 -7.71 -47.58
C THR B 222 4.70 -8.79 -48.37
N GLN B 223 3.53 -9.21 -47.88
CA GLN B 223 2.76 -10.28 -48.51
C GLN B 223 1.86 -9.71 -49.61
N ASP B 224 1.31 -10.62 -50.42
CA ASP B 224 0.61 -10.30 -51.64
C ASP B 224 -0.82 -9.87 -51.32
N ARG B 225 -1.45 -10.56 -50.37
CA ARG B 225 -2.85 -10.35 -50.03
C ARG B 225 -3.05 -8.98 -49.39
N ALA B 226 -4.32 -8.57 -49.28
CA ALA B 226 -4.69 -7.34 -48.62
C ALA B 226 -4.11 -7.33 -47.20
N LYS B 227 -3.60 -6.15 -46.80
CA LYS B 227 -3.03 -5.95 -45.48
C LYS B 227 -4.10 -6.18 -44.42
N PRO B 228 -3.91 -7.15 -43.49
CA PRO B 228 -4.94 -7.55 -42.55
C PRO B 228 -5.03 -6.61 -41.35
N VAL B 229 -5.56 -5.42 -41.60
CA VAL B 229 -5.66 -4.35 -40.61
C VAL B 229 -6.85 -4.60 -39.69
N THR B 230 -6.82 -3.93 -38.53
CA THR B 230 -7.98 -3.81 -37.65
C THR B 230 -9.15 -3.29 -38.47
N GLN B 231 -10.28 -4.02 -38.42
CA GLN B 231 -11.42 -3.72 -39.27
C GLN B 231 -12.67 -4.36 -38.72
N ILE B 232 -13.83 -3.95 -39.28
CA ILE B 232 -15.11 -4.56 -39.01
C ILE B 232 -15.54 -5.36 -40.24
N VAL B 233 -15.98 -6.60 -40.00
CA VAL B 233 -16.65 -7.37 -41.02
C VAL B 233 -18.03 -7.74 -40.48
N SER B 234 -19.07 -7.56 -41.30
CA SER B 234 -20.43 -7.80 -40.85
C SER B 234 -21.24 -8.55 -41.89
N ALA B 235 -22.38 -9.11 -41.45
CA ALA B 235 -23.36 -9.72 -42.31
C ALA B 235 -24.75 -9.33 -41.80
N GLU B 236 -25.70 -9.17 -42.73
CA GLU B 236 -26.99 -8.61 -42.39
C GLU B 236 -28.10 -9.33 -43.14
N ALA B 237 -29.31 -9.23 -42.59
CA ALA B 237 -30.54 -9.68 -43.24
C ALA B 237 -31.71 -8.87 -42.70
N TRP B 238 -32.77 -8.76 -43.52
CA TRP B 238 -34.01 -8.13 -43.11
C TRP B 238 -34.99 -9.21 -42.66
N GLY B 239 -35.83 -8.87 -41.68
CA GLY B 239 -36.98 -9.70 -41.34
C GLY B 239 -37.90 -9.86 -42.55
N ARG B 240 -38.75 -10.90 -42.51
CA ARG B 240 -39.66 -11.21 -43.60
C ARG B 240 -40.82 -12.05 -43.10
N ALA B 241 -41.96 -11.94 -43.81
CA ALA B 241 -43.18 -12.68 -43.52
C ALA B 241 -42.92 -14.18 -43.67
N LYS C 6 5.82 17.94 41.13
CA LYS C 6 4.55 17.16 41.17
C LYS C 6 4.11 16.84 39.74
N ASN C 7 4.40 17.76 38.82
CA ASN C 7 4.02 17.62 37.42
C ASN C 7 5.14 16.91 36.66
N TYR C 8 4.81 15.76 36.06
CA TYR C 8 5.76 15.02 35.25
C TYR C 8 5.30 15.04 33.79
N THR C 9 6.26 15.29 32.89
CA THR C 9 6.00 15.19 31.47
C THR C 9 6.53 13.86 30.95
N PHE C 10 5.67 13.15 30.22
CA PHE C 10 6.00 11.89 29.58
C PHE C 10 6.28 12.17 28.10
N ARG C 11 7.47 11.76 27.64
CA ARG C 11 7.94 12.08 26.31
C ARG C 11 8.39 10.83 25.58
N CYS C 12 7.70 10.51 24.48
CA CYS C 12 8.16 9.54 23.51
C CYS C 12 8.83 10.28 22.37
N LEU C 13 10.14 10.05 22.18
CA LEU C 13 10.90 10.82 21.22
C LEU C 13 11.41 9.90 20.11
N GLN C 14 10.97 10.19 18.88
CA GLN C 14 11.32 9.39 17.73
C GLN C 14 12.24 10.20 16.81
N MET C 15 13.31 9.54 16.35
CA MET C 15 14.28 10.10 15.43
C MET C 15 14.35 9.20 14.20
N SER C 16 14.02 9.76 13.04
CA SER C 16 14.07 9.00 11.80
C SER C 16 14.95 9.70 10.77
N SER C 17 15.92 8.96 10.24
CA SER C 17 16.84 9.46 9.23
C SER C 17 16.62 8.69 7.92
N PHE C 18 16.38 9.43 6.84
CA PHE C 18 16.28 8.86 5.50
C PHE C 18 17.39 9.44 4.63
N ALA C 19 18.40 8.61 4.34
CA ALA C 19 19.59 9.06 3.62
C ALA C 19 19.32 9.13 2.12
N ASN C 20 18.56 8.15 1.62
CA ASN C 20 18.19 8.06 0.21
C ASN C 20 16.87 7.29 0.12
N ARG C 21 16.59 6.75 -1.07
CA ARG C 21 15.31 6.13 -1.39
C ARG C 21 15.13 4.83 -0.61
N SER C 22 16.25 4.20 -0.23
CA SER C 22 16.21 2.87 0.37
C SER C 22 16.59 2.89 1.85
N TRP C 23 17.75 3.52 2.15
CA TRP C 23 18.33 3.51 3.48
C TRP C 23 17.55 4.42 4.42
N SER C 24 17.13 3.86 5.56
CA SER C 24 16.53 4.64 6.64
C SER C 24 16.75 3.93 7.97
N ARG C 25 16.61 4.68 9.07
CA ARG C 25 16.64 4.12 10.41
C ARG C 25 15.78 4.95 11.34
N THR C 26 15.12 4.26 12.29
CA THR C 26 14.24 4.90 13.26
C THR C 26 14.65 4.44 14.66
N ASP C 27 14.91 5.41 15.54
CA ASP C 27 15.30 5.14 16.91
C ASP C 27 14.42 5.97 17.85
N SER C 28 14.02 5.36 18.98
CA SER C 28 13.12 5.99 19.92
C SER C 28 13.63 5.84 21.36
N VAL C 29 13.39 6.87 22.16
CA VAL C 29 13.62 6.83 23.59
C VAL C 29 12.40 7.40 24.29
N VAL C 30 12.15 6.97 25.53
CA VAL C 30 10.99 7.43 26.26
C VAL C 30 11.44 7.95 27.62
N TRP C 31 10.92 9.13 27.98
CA TRP C 31 11.28 9.81 29.23
C TRP C 31 10.03 10.04 30.07
N LEU C 32 10.13 9.74 31.36
CA LEU C 32 9.18 10.24 32.35
C LEU C 32 9.94 11.22 33.25
N GLY C 33 9.64 12.50 33.09
CA GLY C 33 10.51 13.54 33.63
C GLY C 33 11.89 13.46 32.97
N ASP C 34 12.91 13.23 33.80
CA ASP C 34 14.29 13.16 33.33
C ASP C 34 14.84 11.74 33.45
N LEU C 35 13.94 10.77 33.68
CA LEU C 35 14.33 9.36 33.78
C LEU C 35 13.90 8.62 32.51
N GLN C 36 14.83 7.83 31.94
CA GLN C 36 14.54 7.05 30.75
C GLN C 36 13.81 5.77 31.16
N THR C 37 12.67 5.52 30.50
CA THR C 37 11.82 4.38 30.82
C THR C 37 11.89 3.34 29.70
N HIS C 38 12.06 3.80 28.46
CA HIS C 38 12.09 2.89 27.33
C HIS C 38 13.19 3.28 26.35
N ARG C 39 13.56 2.30 25.51
CA ARG C 39 14.47 2.48 24.40
C ARG C 39 13.98 1.56 23.29
N TRP C 40 14.01 2.06 22.05
CA TRP C 40 13.66 1.23 20.92
C TRP C 40 14.63 1.50 19.76
N SER C 41 15.66 0.68 19.70
CA SER C 41 16.67 0.74 18.65
C SER C 41 16.07 0.28 17.32
N ASN C 42 16.63 0.78 16.22
CA ASN C 42 16.24 0.34 14.88
C ASN C 42 16.50 -1.15 14.72
N ASP C 43 17.56 -1.64 15.38
CA ASP C 43 18.07 -2.99 15.22
C ASP C 43 17.15 -4.00 15.92
N SER C 44 16.29 -3.50 16.81
CA SER C 44 15.49 -4.33 17.70
C SER C 44 14.04 -4.41 17.22
N ALA C 45 13.46 -5.62 17.32
CA ALA C 45 12.10 -5.88 16.91
C ALA C 45 11.12 -5.41 17.98
N THR C 46 11.60 -5.37 19.23
CA THR C 46 10.77 -5.10 20.39
C THR C 46 11.27 -3.87 21.13
N ILE C 47 10.37 -3.23 21.89
CA ILE C 47 10.70 -2.10 22.73
C ILE C 47 11.36 -2.62 24.00
N SER C 48 12.45 -1.97 24.41
CA SER C 48 13.21 -2.36 25.60
C SER C 48 12.79 -1.51 26.80
N PHE C 49 12.59 -2.18 27.94
CA PHE C 49 12.43 -1.52 29.22
C PHE C 49 13.81 -1.14 29.73
N THR C 50 13.94 0.09 30.27
CA THR C 50 15.20 0.51 30.86
C THR C 50 15.02 0.70 32.37
N LYS C 51 13.81 0.38 32.86
CA LYS C 51 13.52 0.35 34.29
C LYS C 51 12.71 -0.91 34.59
N PRO C 52 12.75 -1.44 35.83
CA PRO C 52 11.93 -2.59 36.20
C PRO C 52 10.43 -2.29 36.08
N TRP C 53 10.07 -1.01 36.17
CA TRP C 53 8.69 -0.58 36.27
C TRP C 53 8.16 -0.01 34.96
N SER C 54 8.92 -0.22 33.88
CA SER C 54 8.66 0.41 32.59
C SER C 54 7.34 -0.02 31.97
N GLN C 55 6.81 -1.18 32.39
CA GLN C 55 5.54 -1.67 31.86
C GLN C 55 4.37 -0.96 32.56
N GLY C 56 4.68 -0.20 33.62
CA GLY C 56 3.66 0.45 34.42
C GLY C 56 2.72 -0.57 35.05
N LYS C 57 1.41 -0.33 34.89
CA LYS C 57 0.38 -1.20 35.45
C LYS C 57 -0.34 -1.94 34.34
N LEU C 58 0.25 -1.95 33.14
CA LEU C 58 -0.32 -2.71 32.03
C LEU C 58 -0.07 -4.21 32.26
N SER C 59 -1.09 -5.02 32.01
CA SER C 59 -0.94 -6.46 31.97
C SER C 59 -0.09 -6.84 30.77
N ASN C 60 0.38 -8.09 30.75
CA ASN C 60 1.22 -8.57 29.66
C ASN C 60 0.45 -8.53 28.33
N GLN C 61 -0.86 -8.74 28.41
CA GLN C 61 -1.70 -8.78 27.21
C GLN C 61 -1.88 -7.36 26.66
N GLN C 62 -2.06 -6.39 27.57
CA GLN C 62 -2.23 -4.99 27.19
C GLN C 62 -0.94 -4.46 26.58
N TRP C 63 0.20 -4.87 27.14
CA TRP C 63 1.50 -4.42 26.67
C TRP C 63 1.80 -4.98 25.28
N GLU C 64 1.54 -6.28 25.10
CA GLU C 64 1.78 -6.98 23.84
C GLU C 64 0.99 -6.30 22.72
N LYS C 65 -0.27 -5.96 23.01
CA LYS C 65 -1.16 -5.32 22.04
C LYS C 65 -0.65 -3.93 21.68
N LEU C 66 -0.12 -3.22 22.69
CA LEU C 66 0.39 -1.87 22.51
C LEU C 66 1.67 -1.91 21.69
N GLN C 67 2.57 -2.83 22.03
CA GLN C 67 3.84 -2.97 21.34
C GLN C 67 3.59 -3.31 19.87
N HIS C 68 2.63 -4.22 19.62
CA HIS C 68 2.30 -4.67 18.28
C HIS C 68 1.86 -3.49 17.41
N MET C 69 1.02 -2.62 18.00
CA MET C 69 0.56 -1.42 17.34
C MET C 69 1.76 -0.56 16.90
N PHE C 70 2.76 -0.46 17.79
CA PHE C 70 3.95 0.34 17.51
C PHE C 70 4.81 -0.33 16.45
N GLN C 71 4.86 -1.67 16.47
CA GLN C 71 5.65 -2.43 15.51
C GLN C 71 5.10 -2.17 14.10
N VAL C 72 3.76 -2.22 13.96
CA VAL C 72 3.09 -1.96 12.71
C VAL C 72 3.36 -0.50 12.29
N TYR C 73 3.33 0.40 13.27
CA TYR C 73 3.53 1.82 13.03
C TYR C 73 4.91 2.09 12.42
N ARG C 74 5.96 1.50 13.01
CA ARG C 74 7.33 1.79 12.60
C ARG C 74 7.54 1.43 11.13
N VAL C 75 7.09 0.23 10.75
CA VAL C 75 7.17 -0.25 9.38
C VAL C 75 6.36 0.68 8.47
N SER C 76 5.17 1.10 8.94
CA SER C 76 4.23 1.85 8.13
C SER C 76 4.73 3.29 7.93
N PHE C 77 5.15 3.92 9.02
CA PHE C 77 5.73 5.25 9.00
C PHE C 77 6.87 5.32 7.98
N THR C 78 7.73 4.29 7.99
CA THR C 78 8.90 4.24 7.12
C THR C 78 8.46 4.28 5.65
N ARG C 79 7.42 3.49 5.32
CA ARG C 79 6.95 3.44 3.94
C ARG C 79 6.23 4.74 3.58
N ASP C 80 5.49 5.31 4.54
CA ASP C 80 4.68 6.49 4.30
C ASP C 80 5.58 7.67 3.92
N ILE C 81 6.64 7.90 4.70
CA ILE C 81 7.60 8.96 4.41
C ILE C 81 8.17 8.78 3.01
N GLN C 82 8.57 7.55 2.68
CA GLN C 82 9.16 7.23 1.39
C GLN C 82 8.18 7.57 0.26
N GLU C 83 6.89 7.31 0.51
CA GLU C 83 5.87 7.52 -0.50
C GLU C 83 5.54 9.01 -0.63
N LEU C 84 5.56 9.72 0.50
CA LEU C 84 5.27 11.15 0.51
C LEU C 84 6.39 11.91 -0.20
N VAL C 85 7.61 11.39 -0.12
CA VAL C 85 8.76 11.98 -0.81
C VAL C 85 8.54 11.86 -2.32
N LYS C 86 8.10 10.68 -2.78
CA LYS C 86 7.79 10.45 -4.18
C LYS C 86 6.69 11.39 -4.63
N MET C 87 5.76 11.70 -3.71
CA MET C 87 4.56 12.46 -4.02
C MET C 87 4.88 13.94 -4.21
N MET C 88 5.89 14.44 -3.48
CA MET C 88 6.22 15.86 -3.50
C MET C 88 7.34 16.13 -4.49
N SER C 89 7.88 15.07 -5.10
CA SER C 89 8.99 15.15 -6.03
C SER C 89 8.70 16.16 -7.14
N PRO C 90 9.67 17.04 -7.43
CA PRO C 90 10.98 17.04 -6.77
C PRO C 90 11.21 18.22 -5.83
N LYS C 91 10.16 18.61 -5.11
CA LYS C 91 10.18 19.75 -4.21
C LYS C 91 11.13 19.47 -3.04
N GLU C 92 10.98 18.31 -2.41
CA GLU C 92 11.82 17.92 -1.29
C GLU C 92 12.63 16.68 -1.67
N ASP C 93 13.83 16.54 -1.08
CA ASP C 93 14.72 15.47 -1.45
C ASP C 93 15.47 14.96 -0.22
N TYR C 94 16.01 13.75 -0.33
CA TYR C 94 16.90 13.16 0.65
C TYR C 94 18.21 13.94 0.67
N PRO C 95 18.88 14.00 1.84
CA PRO C 95 18.48 13.31 3.05
C PRO C 95 17.36 14.01 3.81
N ILE C 96 16.62 13.23 4.61
CA ILE C 96 15.49 13.74 5.37
C ILE C 96 15.62 13.26 6.81
N GLU C 97 15.51 14.21 7.74
CA GLU C 97 15.45 13.92 9.16
C GLU C 97 14.07 14.28 9.68
N ILE C 98 13.42 13.33 10.35
CA ILE C 98 12.11 13.56 10.94
C ILE C 98 12.19 13.23 12.42
N GLN C 99 11.59 14.10 13.24
CA GLN C 99 11.50 13.88 14.68
C GLN C 99 10.05 13.95 15.11
N LEU C 100 9.66 13.03 16.01
CA LEU C 100 8.36 13.06 16.65
C LEU C 100 8.55 13.20 18.15
N SER C 101 7.77 14.10 18.74
CA SER C 101 7.66 14.23 20.19
C SER C 101 6.21 14.07 20.60
N ALA C 102 5.90 12.92 21.21
CA ALA C 102 4.54 12.60 21.61
C ALA C 102 4.52 12.26 23.09
N GLY C 103 3.38 12.52 23.73
CA GLY C 103 3.22 12.18 25.14
C GLY C 103 2.12 12.99 25.79
N CYS C 104 2.21 13.11 27.12
CA CYS C 104 1.21 13.82 27.91
C CYS C 104 1.86 14.41 29.15
N GLU C 105 1.38 15.61 29.52
CA GLU C 105 1.80 16.28 30.74
C GLU C 105 0.74 16.02 31.81
N MET C 106 1.18 15.53 32.97
CA MET C 106 0.26 15.08 34.00
C MET C 106 0.11 16.14 35.07
N TYR C 107 -1.13 16.57 35.30
CA TYR C 107 -1.48 17.53 36.33
C TYR C 107 -2.21 16.81 37.46
N PRO C 108 -2.25 17.39 38.70
CA PRO C 108 -2.96 16.76 39.81
C PRO C 108 -4.47 16.75 39.60
N GLY C 109 -5.14 15.74 40.18
CA GLY C 109 -6.59 15.63 40.13
C GLY C 109 -7.08 15.09 38.79
N ASN C 110 -6.31 14.16 38.21
CA ASN C 110 -6.69 13.39 37.03
C ASN C 110 -6.85 14.31 35.82
N ALA C 111 -6.00 15.34 35.72
CA ALA C 111 -5.96 16.21 34.56
C ALA C 111 -4.68 15.95 33.78
N SER C 112 -4.77 16.07 32.45
CA SER C 112 -3.61 15.89 31.58
C SER C 112 -3.85 16.58 30.22
N GLU C 113 -2.74 16.97 29.59
CA GLU C 113 -2.74 17.47 28.22
C GLU C 113 -1.81 16.59 27.39
N SER C 114 -2.36 16.01 26.32
CA SER C 114 -1.58 15.20 25.40
C SER C 114 -1.08 16.06 24.23
N PHE C 115 0.02 15.62 23.60
CA PHE C 115 0.59 16.32 22.46
C PHE C 115 1.25 15.33 21.52
N LEU C 116 1.31 15.70 20.24
CA LEU C 116 2.04 14.96 19.22
C LEU C 116 2.60 15.97 18.22
N HIS C 117 3.90 16.23 18.31
CA HIS C 117 4.57 17.24 17.50
C HIS C 117 5.57 16.59 16.57
N VAL C 118 5.64 17.10 15.33
CA VAL C 118 6.48 16.56 14.28
C VAL C 118 7.39 17.66 13.75
N ALA C 119 8.69 17.35 13.68
CA ALA C 119 9.66 18.27 13.08
C ALA C 119 10.22 17.66 11.81
N PHE C 120 10.38 18.50 10.79
CA PHE C 120 10.96 18.12 9.52
C PHE C 120 12.21 18.95 9.29
N GLN C 121 13.34 18.26 9.08
CA GLN C 121 14.66 18.88 8.95
C GLN C 121 14.92 19.78 10.15
N GLY C 122 14.47 19.34 11.33
CA GLY C 122 14.79 20.01 12.59
C GLY C 122 13.88 21.19 12.89
N LYS C 123 12.75 21.29 12.18
CA LYS C 123 11.82 22.39 12.39
C LYS C 123 10.40 21.86 12.59
N TYR C 124 9.78 22.30 13.70
CA TYR C 124 8.42 21.95 14.07
C TYR C 124 7.47 22.46 12.99
N VAL C 125 6.71 21.54 12.36
CA VAL C 125 5.89 21.87 11.21
C VAL C 125 4.47 21.34 11.38
N VAL C 126 4.33 20.18 12.04
CA VAL C 126 3.07 19.45 12.03
C VAL C 126 2.76 18.98 13.45
N ARG C 127 1.47 19.02 13.80
CA ARG C 127 0.99 18.44 15.04
C ARG C 127 -0.33 17.70 14.79
N PHE C 128 -0.66 16.78 15.70
CA PHE C 128 -1.99 16.22 15.76
C PHE C 128 -2.79 17.00 16.80
N TRP C 129 -3.94 17.52 16.39
CA TRP C 129 -4.78 18.34 17.26
C TRP C 129 -6.24 17.97 17.04
N GLY C 130 -6.93 17.63 18.14
CA GLY C 130 -8.33 17.26 18.08
C GLY C 130 -8.54 15.90 17.43
N THR C 131 -8.79 15.90 16.12
CA THR C 131 -9.14 14.70 15.39
C THR C 131 -8.35 14.61 14.08
N SER C 132 -7.36 15.49 13.89
CA SER C 132 -6.68 15.57 12.61
C SER C 132 -5.25 16.09 12.75
N TRP C 133 -4.48 15.90 11.67
CA TRP C 133 -3.17 16.51 11.50
C TRP C 133 -3.35 17.94 11.00
N GLN C 134 -2.47 18.84 11.47
CA GLN C 134 -2.45 20.21 10.99
C GLN C 134 -1.02 20.72 10.95
N THR C 135 -0.77 21.67 10.03
CA THR C 135 0.47 22.41 10.02
C THR C 135 0.39 23.50 11.09
N VAL C 136 1.55 23.95 11.56
CA VAL C 136 1.63 25.02 12.55
C VAL C 136 2.13 26.28 11.84
N PRO C 137 2.01 27.48 12.47
CA PRO C 137 2.50 28.71 11.85
C PRO C 137 3.98 28.62 11.48
N GLY C 138 4.29 29.00 10.23
CA GLY C 138 5.66 29.04 9.75
C GLY C 138 5.99 27.85 8.85
N ALA C 139 5.07 26.88 8.81
CA ALA C 139 5.27 25.65 8.04
C ALA C 139 5.15 25.96 6.54
N PRO C 140 5.94 25.28 5.68
CA PRO C 140 5.86 25.51 4.24
C PRO C 140 4.53 24.99 3.69
N SER C 141 4.07 25.61 2.60
CA SER C 141 2.74 25.36 2.04
C SER C 141 2.64 23.97 1.45
N TRP C 142 3.76 23.42 0.96
CA TRP C 142 3.76 22.16 0.24
C TRP C 142 3.26 21.02 1.14
N LEU C 143 3.32 21.23 2.46
CA LEU C 143 2.93 20.23 3.44
C LEU C 143 1.42 20.02 3.43
N ASP C 144 0.68 20.92 2.77
CA ASP C 144 -0.77 20.85 2.68
C ASP C 144 -1.22 19.54 2.01
N LEU C 145 -0.39 19.02 1.08
CA LEU C 145 -0.75 17.79 0.38
C LEU C 145 -0.55 16.57 1.30
N PRO C 146 0.65 16.36 1.90
CA PRO C 146 0.82 15.32 2.92
C PRO C 146 -0.26 15.34 4.00
N ILE C 147 -0.62 16.54 4.49
CA ILE C 147 -1.63 16.67 5.54
C ILE C 147 -2.97 16.16 5.02
N LYS C 148 -3.28 16.49 3.77
CA LYS C 148 -4.53 16.06 3.15
C LYS C 148 -4.57 14.54 3.05
N VAL C 149 -3.44 13.94 2.70
CA VAL C 149 -3.36 12.49 2.53
C VAL C 149 -3.43 11.80 3.89
N LEU C 150 -2.67 12.32 4.86
CA LEU C 150 -2.65 11.74 6.20
C LEU C 150 -4.04 11.83 6.85
N ASN C 151 -4.77 12.90 6.56
CA ASN C 151 -6.07 13.14 7.16
C ASN C 151 -7.14 12.30 6.47
N ALA C 152 -6.81 11.72 5.30
CA ALA C 152 -7.72 10.83 4.59
C ALA C 152 -7.84 9.50 5.33
N ASP C 153 -6.78 9.14 6.08
CA ASP C 153 -6.70 7.87 6.79
C ASP C 153 -7.44 7.97 8.12
N GLN C 154 -8.72 7.56 8.13
CA GLN C 154 -9.58 7.65 9.29
C GLN C 154 -9.11 6.68 10.37
N GLY C 155 -8.60 5.52 9.95
CA GLY C 155 -8.14 4.49 10.86
C GLY C 155 -6.97 4.96 11.74
N THR C 156 -6.02 5.68 11.12
CA THR C 156 -4.90 6.26 11.85
C THR C 156 -5.43 7.33 12.81
N SER C 157 -6.35 8.15 12.31
CA SER C 157 -6.93 9.24 13.09
C SER C 157 -7.56 8.70 14.37
N ALA C 158 -8.41 7.67 14.23
CA ALA C 158 -9.10 7.08 15.36
C ALA C 158 -8.10 6.45 16.34
N THR C 159 -7.03 5.85 15.80
CA THR C 159 -6.04 5.18 16.62
C THR C 159 -5.25 6.20 17.44
N VAL C 160 -4.84 7.30 16.80
CA VAL C 160 -4.04 8.33 17.43
C VAL C 160 -4.89 9.00 18.52
N GLN C 161 -6.16 9.27 18.22
CA GLN C 161 -7.07 9.89 19.16
C GLN C 161 -7.12 9.09 20.45
N MET C 162 -7.32 7.77 20.31
CA MET C 162 -7.40 6.86 21.46
C MET C 162 -6.05 6.82 22.18
N LEU C 163 -4.97 6.87 21.40
CA LEU C 163 -3.61 6.83 21.92
C LEU C 163 -3.34 8.03 22.81
N LEU C 164 -3.75 9.23 22.33
CA LEU C 164 -3.46 10.47 23.00
C LEU C 164 -4.46 10.72 24.14
N ASN C 165 -5.75 10.46 23.89
CA ASN C 165 -6.80 10.82 24.83
C ASN C 165 -6.82 9.83 26.00
N ASP C 166 -6.68 8.54 25.71
CA ASP C 166 -6.99 7.48 26.68
C ASP C 166 -5.72 6.77 27.14
N THR C 167 -4.94 6.26 26.17
CA THR C 167 -3.82 5.37 26.46
C THR C 167 -2.73 6.09 27.27
N CYS C 168 -2.25 7.24 26.76
CA CYS C 168 -1.17 7.98 27.41
C CYS C 168 -1.51 8.22 28.88
N PRO C 169 -2.59 8.97 29.21
CA PRO C 169 -2.88 9.33 30.59
C PRO C 169 -2.95 8.11 31.50
N LEU C 170 -3.62 7.05 31.02
CA LEU C 170 -3.78 5.83 31.79
C LEU C 170 -2.41 5.21 32.06
N PHE C 171 -1.62 5.01 31.00
CA PHE C 171 -0.33 4.36 31.07
C PHE C 171 0.57 5.11 32.05
N VAL C 172 0.58 6.45 31.95
CA VAL C 172 1.46 7.29 32.74
C VAL C 172 1.06 7.24 34.22
N ARG C 173 -0.26 7.24 34.49
CA ARG C 173 -0.75 7.12 35.85
C ARG C 173 -0.13 5.89 36.52
N GLY C 174 -0.13 4.77 35.78
CA GLY C 174 0.43 3.51 36.23
C GLY C 174 1.95 3.57 36.41
N LEU C 175 2.62 4.28 35.50
CA LEU C 175 4.07 4.45 35.55
C LEU C 175 4.45 5.18 36.84
N LEU C 176 3.63 6.15 37.23
CA LEU C 176 3.91 7.00 38.39
C LEU C 176 3.78 6.19 39.67
N GLU C 177 2.79 5.28 39.71
CA GLU C 177 2.61 4.37 40.82
C GLU C 177 3.79 3.41 40.91
N ALA C 178 4.13 2.79 39.77
CA ALA C 178 5.07 1.68 39.73
C ALA C 178 6.50 2.17 39.95
N GLY C 179 6.80 3.40 39.48
CA GLY C 179 8.16 3.92 39.52
C GLY C 179 8.34 4.99 40.61
N LYS C 180 7.44 4.97 41.60
CA LYS C 180 7.37 5.96 42.67
C LYS C 180 8.72 6.12 43.36
N SER C 181 9.34 4.99 43.73
CA SER C 181 10.55 4.99 44.53
C SER C 181 11.75 5.52 43.75
N ASP C 182 11.75 5.30 42.43
CA ASP C 182 12.83 5.78 41.57
C ASP C 182 12.65 7.28 41.28
N LEU C 183 11.40 7.72 41.19
CA LEU C 183 11.08 9.09 40.84
C LEU C 183 11.35 10.01 42.03
N GLU C 184 11.28 9.45 43.25
CA GLU C 184 11.35 10.24 44.46
C GLU C 184 12.67 10.01 45.18
N LYS C 185 13.63 9.36 44.50
CA LYS C 185 14.92 9.07 45.10
C LYS C 185 15.69 10.37 45.32
N GLN C 186 16.48 10.39 46.40
CA GLN C 186 17.36 11.51 46.72
C GLN C 186 18.80 11.02 46.67
N GLU C 187 19.65 11.75 45.93
CA GLU C 187 21.07 11.45 45.79
C GLU C 187 21.88 12.68 46.18
N LYS C 188 22.85 12.47 47.07
CA LYS C 188 23.62 13.56 47.67
C LYS C 188 24.65 14.08 46.67
N PRO C 189 24.74 15.42 46.49
CA PRO C 189 25.84 16.02 45.72
C PRO C 189 27.15 15.98 46.49
N VAL C 190 28.25 15.83 45.75
CA VAL C 190 29.59 16.01 46.29
C VAL C 190 30.23 17.17 45.53
N ALA C 191 30.87 18.09 46.26
CA ALA C 191 31.44 19.28 45.67
C ALA C 191 32.95 19.25 45.76
N TRP C 192 33.61 20.04 44.89
CA TRP C 192 35.05 20.27 44.94
C TRP C 192 35.40 21.55 44.20
N LEU C 193 36.56 22.14 44.55
CA LEU C 193 36.94 23.45 44.04
C LEU C 193 38.18 23.35 43.16
N SER C 194 38.30 24.29 42.22
CA SER C 194 39.43 24.39 41.31
C SER C 194 39.50 25.80 40.73
N SER C 195 40.62 26.13 40.07
CA SER C 195 40.86 27.47 39.56
C SER C 195 41.69 27.42 38.28
N VAL C 196 41.30 28.27 37.31
CA VAL C 196 42.01 28.41 36.06
C VAL C 196 42.41 29.87 35.87
N PRO C 197 43.72 30.21 35.93
CA PRO C 197 44.19 31.58 35.68
C PRO C 197 44.03 31.95 34.21
N SER C 198 43.65 33.21 33.96
CA SER C 198 43.52 33.76 32.62
C SER C 198 43.83 35.26 32.63
N ARG C 204 41.76 35.61 37.79
CA ARG C 204 41.59 34.15 37.76
C ARG C 204 40.10 33.82 37.94
N GLN C 205 39.75 32.56 37.64
CA GLN C 205 38.37 32.10 37.71
C GLN C 205 38.29 30.87 38.61
N LEU C 206 37.49 30.98 39.68
CA LEU C 206 37.27 29.88 40.61
C LEU C 206 36.05 29.08 40.15
N VAL C 207 36.15 27.75 40.26
CA VAL C 207 35.11 26.84 39.82
C VAL C 207 34.66 25.98 41.00
N CYS C 208 33.33 25.89 41.18
CA CYS C 208 32.76 25.01 42.18
C CYS C 208 32.01 23.88 41.47
N HIS C 209 32.52 22.66 41.59
CA HIS C 209 31.96 21.48 40.94
C HIS C 209 30.99 20.79 41.89
N VAL C 210 29.77 20.54 41.40
CA VAL C 210 28.75 19.83 42.16
C VAL C 210 28.25 18.66 41.32
N SER C 211 28.37 17.45 41.85
CA SER C 211 28.12 16.25 41.07
C SER C 211 27.48 15.14 41.92
N GLY C 212 26.53 14.43 41.30
CA GLY C 212 25.94 13.23 41.88
C GLY C 212 24.58 13.48 42.51
N PHE C 213 24.00 14.66 42.28
CA PHE C 213 22.75 15.04 42.93
C PHE C 213 21.54 14.63 42.08
N TYR C 214 20.47 14.24 42.78
CA TYR C 214 19.16 14.02 42.21
C TYR C 214 18.12 14.27 43.31
N PRO C 215 17.04 15.03 43.01
CA PRO C 215 16.71 15.49 41.67
C PRO C 215 17.43 16.77 41.23
N LYS C 216 16.95 17.35 40.13
CA LYS C 216 17.61 18.42 39.40
C LYS C 216 17.68 19.70 40.23
N PRO C 217 16.59 20.17 40.89
CA PRO C 217 16.62 21.43 41.64
C PRO C 217 17.76 21.49 42.66
N VAL C 218 18.59 22.54 42.54
CA VAL C 218 19.77 22.71 43.38
C VAL C 218 20.09 24.21 43.49
N TRP C 219 20.90 24.57 44.49
CA TRP C 219 21.31 25.94 44.73
C TRP C 219 22.81 25.99 44.99
N VAL C 220 23.52 26.80 44.17
CA VAL C 220 24.96 26.93 44.28
C VAL C 220 25.34 28.40 44.13
N MET C 221 26.04 28.93 45.15
CA MET C 221 26.51 30.31 45.13
C MET C 221 27.88 30.40 45.80
N TRP C 222 28.79 31.11 45.15
CA TRP C 222 30.05 31.52 45.77
C TRP C 222 29.76 32.61 46.80
N MET C 223 30.43 32.52 47.95
CA MET C 223 30.11 33.38 49.08
C MET C 223 31.37 33.80 49.82
N ARG C 224 31.44 35.10 50.15
CA ARG C 224 32.40 35.62 51.11
C ARG C 224 31.69 35.81 52.45
N GLY C 225 31.85 34.83 53.34
CA GLY C 225 31.19 34.83 54.64
C GLY C 225 29.70 34.58 54.52
N ASP C 226 28.93 35.68 54.47
CA ASP C 226 27.47 35.62 54.39
C ASP C 226 26.98 36.45 53.22
N GLN C 227 27.94 36.94 52.42
CA GLN C 227 27.65 37.81 51.28
C GLN C 227 27.64 36.99 50.00
N GLU C 228 26.47 36.97 49.33
CA GLU C 228 26.30 36.27 48.06
C GLU C 228 27.05 37.02 46.97
N GLN C 229 28.05 36.35 46.38
CA GLN C 229 28.81 36.92 45.29
C GLN C 229 27.96 36.87 44.01
N GLN C 230 27.59 38.06 43.52
CA GLN C 230 26.64 38.19 42.43
C GLN C 230 27.30 37.90 41.09
N GLY C 231 28.63 37.69 41.12
CA GLY C 231 29.40 37.37 39.93
C GLY C 231 29.37 35.87 39.62
N THR C 232 28.64 35.10 40.44
CA THR C 232 28.50 33.67 40.26
C THR C 232 27.76 33.38 38.96
N HIS C 233 28.38 32.55 38.11
CA HIS C 233 27.77 32.12 36.86
C HIS C 233 27.48 30.63 36.92
N ARG C 234 26.20 30.28 37.04
CA ARG C 234 25.74 28.90 36.99
C ARG C 234 25.82 28.40 35.55
N GLY C 235 26.49 27.26 35.36
CA GLY C 235 26.50 26.59 34.07
C GLY C 235 25.20 25.82 33.83
N ASP C 236 25.19 25.00 32.77
CA ASP C 236 24.05 24.17 32.45
C ASP C 236 24.08 22.92 33.35
N PHE C 237 22.94 22.24 33.45
CA PHE C 237 22.88 20.93 34.08
C PHE C 237 23.41 19.89 33.11
N LEU C 238 24.45 19.16 33.53
CA LEU C 238 25.07 18.14 32.70
C LEU C 238 24.79 16.78 33.32
N PRO C 239 24.39 15.75 32.52
CA PRO C 239 24.07 14.44 33.06
C PRO C 239 25.30 13.58 33.36
N ASN C 240 25.18 12.77 34.41
CA ASN C 240 26.09 11.66 34.65
C ASN C 240 25.47 10.41 34.04
N ALA C 241 26.27 9.33 33.97
CA ALA C 241 25.82 8.09 33.36
C ALA C 241 24.87 7.33 34.29
N ASP C 242 24.90 7.66 35.58
CA ASP C 242 24.17 6.92 36.60
C ASP C 242 22.87 7.63 36.95
N GLU C 243 22.42 8.53 36.06
CA GLU C 243 21.15 9.23 36.19
C GLU C 243 21.19 10.19 37.39
N THR C 244 22.36 10.82 37.59
CA THR C 244 22.48 11.94 38.51
C THR C 244 22.95 13.14 37.70
N TRP C 245 23.00 14.31 38.35
CA TRP C 245 23.30 15.54 37.64
C TRP C 245 24.65 16.12 38.06
N TYR C 246 25.23 16.92 37.16
CA TYR C 246 26.46 17.65 37.37
C TYR C 246 26.20 19.13 37.07
N LEU C 247 26.74 20.00 37.92
CA LEU C 247 26.65 21.44 37.72
C LEU C 247 27.93 22.10 38.25
N GLN C 248 28.32 23.21 37.61
CA GLN C 248 29.44 24.01 38.09
C GLN C 248 29.07 25.49 38.10
N ALA C 249 29.53 26.20 39.14
CA ALA C 249 29.36 27.63 39.28
C ALA C 249 30.73 28.29 39.32
N THR C 250 30.94 29.26 38.41
CA THR C 250 32.22 29.95 38.27
C THR C 250 32.14 31.36 38.82
N LEU C 251 33.23 31.81 39.45
CA LEU C 251 33.36 33.17 39.94
C LEU C 251 34.69 33.77 39.47
N ASP C 252 34.60 34.93 38.80
CA ASP C 252 35.77 35.64 38.32
C ASP C 252 36.29 36.54 39.44
N VAL C 253 37.57 36.36 39.79
CA VAL C 253 38.17 37.03 40.94
C VAL C 253 39.50 37.65 40.54
N GLU C 254 39.93 38.65 41.31
CA GLU C 254 41.26 39.23 41.20
C GLU C 254 42.22 38.39 42.05
N ALA C 255 43.36 38.03 41.44
CA ALA C 255 44.36 37.19 42.08
C ALA C 255 44.87 37.86 43.35
N GLY C 256 44.89 37.09 44.45
CA GLY C 256 45.29 37.58 45.76
C GLY C 256 44.10 37.70 46.70
N GLU C 257 42.90 37.88 46.12
CA GLU C 257 41.66 38.00 46.88
C GLU C 257 40.88 36.68 46.80
N GLU C 258 41.54 35.59 47.22
CA GLU C 258 40.97 34.26 47.18
C GLU C 258 40.43 33.87 48.56
N ALA C 259 41.25 34.07 49.59
CA ALA C 259 40.93 33.68 50.95
C ALA C 259 39.67 34.41 51.41
N GLY C 260 38.77 33.66 52.06
CA GLY C 260 37.51 34.18 52.54
C GLY C 260 36.32 33.68 51.71
N LEU C 261 36.61 33.18 50.51
CA LEU C 261 35.58 32.71 49.59
C LEU C 261 35.24 31.24 49.88
N ALA C 262 33.93 30.95 49.89
CA ALA C 262 33.43 29.60 50.07
C ALA C 262 32.37 29.31 49.01
N CYS C 263 32.12 28.02 48.78
CA CYS C 263 31.04 27.60 47.89
C CYS C 263 29.96 26.91 48.71
N ARG C 264 28.76 27.48 48.71
CA ARG C 264 27.62 26.91 49.42
C ARG C 264 26.72 26.19 48.41
N VAL C 265 26.34 24.96 48.78
CA VAL C 265 25.45 24.13 47.98
C VAL C 265 24.28 23.69 48.86
N LYS C 266 23.06 24.05 48.42
CA LYS C 266 21.83 23.58 49.04
C LYS C 266 21.15 22.60 48.09
N HIS C 267 20.73 21.45 48.65
CA HIS C 267 20.01 20.43 47.91
C HIS C 267 19.15 19.62 48.86
N SER C 268 17.98 19.19 48.36
CA SER C 268 16.95 18.52 49.14
C SER C 268 17.45 17.23 49.81
N SER C 269 18.51 16.65 49.25
CA SER C 269 19.02 15.36 49.72
C SER C 269 19.86 15.52 50.99
N LEU C 270 20.35 16.76 51.23
CA LEU C 270 21.24 17.04 52.34
C LEU C 270 20.43 17.24 53.62
N GLY C 271 19.16 17.66 53.46
CA GLY C 271 18.24 17.82 54.57
C GLY C 271 18.76 18.83 55.59
N GLY C 272 19.07 20.05 55.12
CA GLY C 272 19.42 21.16 55.99
C GLY C 272 20.93 21.37 56.09
N GLN C 273 21.70 20.27 55.97
CA GLN C 273 23.14 20.31 56.12
C GLN C 273 23.78 20.75 54.81
N ASP C 274 23.83 22.08 54.59
CA ASP C 274 24.42 22.67 53.41
C ASP C 274 25.91 22.31 53.35
N ILE C 275 26.41 22.12 52.12
CA ILE C 275 27.82 21.88 51.89
C ILE C 275 28.51 23.23 51.74
N ILE C 276 29.51 23.47 52.60
CA ILE C 276 30.34 24.66 52.53
C ILE C 276 31.79 24.23 52.30
N LEU C 277 32.38 24.72 51.21
CA LEU C 277 33.77 24.44 50.91
C LEU C 277 34.53 25.76 50.79
N TYR C 278 35.50 25.94 51.69
CA TYR C 278 36.35 27.13 51.72
C TYR C 278 37.58 26.87 50.86
N TRP C 279 38.00 27.91 50.13
CA TRP C 279 39.17 27.84 49.26
C TRP C 279 40.45 27.82 50.11
N ILE D 1 19.96 23.43 7.23
CA ILE D 1 21.04 24.12 8.00
C ILE D 1 21.55 23.17 9.08
N GLN D 2 22.86 23.24 9.33
CA GLN D 2 23.53 22.39 10.31
C GLN D 2 24.01 23.25 11.47
N LYS D 3 23.99 22.66 12.68
CA LYS D 3 24.39 23.36 13.89
C LYS D 3 25.62 22.69 14.49
N THR D 4 26.54 23.52 14.98
CA THR D 4 27.86 23.07 15.46
C THR D 4 27.75 22.51 16.87
N PRO D 5 28.19 21.25 17.09
CA PRO D 5 28.07 20.61 18.40
C PRO D 5 28.95 21.22 19.49
N GLN D 6 28.36 21.40 20.67
CA GLN D 6 29.08 21.80 21.87
C GLN D 6 29.53 20.54 22.61
N ILE D 7 30.78 20.58 23.09
CA ILE D 7 31.39 19.46 23.79
C ILE D 7 31.77 19.91 25.19
N GLN D 8 31.38 19.11 26.19
CA GLN D 8 31.70 19.41 27.58
C GLN D 8 32.26 18.15 28.24
N VAL D 9 33.49 18.27 28.77
CA VAL D 9 34.20 17.14 29.38
C VAL D 9 34.35 17.43 30.87
N TYR D 10 33.99 16.42 31.69
CA TYR D 10 33.94 16.56 33.13
C TYR D 10 34.01 15.18 33.78
N SER D 11 34.47 15.14 35.04
CA SER D 11 34.59 13.90 35.79
C SER D 11 33.36 13.69 36.67
N ARG D 12 33.07 12.43 36.98
CA ARG D 12 31.92 12.04 37.79
C ARG D 12 32.17 12.37 39.26
N HIS D 13 33.33 11.93 39.76
CA HIS D 13 33.72 12.15 41.15
C HIS D 13 34.86 13.18 41.20
N PRO D 14 35.24 13.69 42.39
CA PRO D 14 36.41 14.56 42.51
C PRO D 14 37.67 13.86 42.00
N PRO D 15 38.44 14.48 41.07
CA PRO D 15 39.59 13.83 40.45
C PRO D 15 40.80 13.77 41.38
N GLU D 16 41.32 12.56 41.56
CA GLU D 16 42.52 12.33 42.37
C GLU D 16 43.43 11.35 41.65
N ASN D 17 44.70 11.76 41.49
CA ASN D 17 45.70 10.99 40.78
C ASN D 17 45.81 9.59 41.38
N GLY D 18 45.73 8.58 40.51
CA GLY D 18 45.89 7.19 40.89
C GLY D 18 44.61 6.55 41.42
N LYS D 19 43.49 7.27 41.30
CA LYS D 19 42.22 6.80 41.84
C LYS D 19 41.20 6.66 40.70
N PRO D 20 40.67 5.43 40.44
CA PRO D 20 39.66 5.20 39.41
C PRO D 20 38.45 6.12 39.50
N ASN D 21 37.95 6.53 38.32
CA ASN D 21 36.92 7.55 38.20
C ASN D 21 36.16 7.29 36.90
N ILE D 22 35.23 8.20 36.55
CA ILE D 22 34.51 8.15 35.30
C ILE D 22 34.60 9.51 34.62
N LEU D 23 34.93 9.50 33.32
CA LEU D 23 35.03 10.72 32.53
C LEU D 23 33.85 10.77 31.56
N ASN D 24 33.18 11.93 31.54
CA ASN D 24 31.99 12.12 30.74
C ASN D 24 32.29 13.08 29.60
N CYS D 25 31.77 12.77 28.42
CA CYS D 25 31.79 13.70 27.30
C CYS D 25 30.35 13.95 26.84
N TYR D 26 29.87 15.18 27.08
CA TYR D 26 28.50 15.55 26.76
C TYR D 26 28.49 16.41 25.50
N VAL D 27 27.91 15.85 24.43
CA VAL D 27 27.84 16.49 23.13
C VAL D 27 26.39 16.92 22.88
N THR D 28 26.20 18.20 22.53
CA THR D 28 24.88 18.79 22.42
C THR D 28 24.83 19.75 21.23
N GLN D 29 23.60 20.13 20.86
CA GLN D 29 23.31 21.24 19.97
C GLN D 29 23.69 20.91 18.52
N PHE D 30 23.67 19.63 18.15
CA PHE D 30 24.04 19.24 16.80
C PHE D 30 22.81 18.81 16.00
N HIS D 31 22.93 18.95 14.67
CA HIS D 31 21.93 18.55 13.69
C HIS D 31 22.60 18.54 12.31
N PRO D 32 22.44 17.44 11.55
CA PRO D 32 21.63 16.28 11.85
C PRO D 32 22.24 15.32 12.87
N PRO D 33 21.52 14.26 13.30
CA PRO D 33 21.98 13.40 14.40
C PRO D 33 23.16 12.46 14.15
N HIS D 34 23.60 12.34 12.88
CA HIS D 34 24.77 11.54 12.58
C HIS D 34 26.01 12.21 13.13
N ILE D 35 26.73 11.49 14.00
CA ILE D 35 27.88 12.03 14.71
C ILE D 35 28.84 10.89 15.06
N GLU D 36 30.12 11.23 15.23
CA GLU D 36 31.12 10.29 15.70
C GLU D 36 31.86 10.89 16.89
N ILE D 37 31.87 10.15 18.00
CA ILE D 37 32.46 10.60 19.25
C ILE D 37 33.53 9.61 19.68
N GLN D 38 34.73 10.13 19.93
CA GLN D 38 35.84 9.35 20.44
C GLN D 38 36.34 9.98 21.73
N MET D 39 36.65 9.15 22.72
CA MET D 39 37.35 9.61 23.91
C MET D 39 38.79 9.11 23.84
N LEU D 40 39.73 10.03 24.08
CA LEU D 40 41.14 9.77 23.83
C LEU D 40 41.93 9.86 25.14
N LYS D 41 42.90 8.95 25.28
CA LYS D 41 43.92 9.02 26.31
C LYS D 41 45.27 9.19 25.62
N ASN D 42 45.90 10.35 25.85
CA ASN D 42 47.19 10.68 25.26
C ASN D 42 47.10 10.60 23.73
N GLY D 43 45.94 10.99 23.19
CA GLY D 43 45.71 11.04 21.76
C GLY D 43 45.27 9.68 21.18
N LYS D 44 45.27 8.65 22.02
CA LYS D 44 44.92 7.31 21.57
C LYS D 44 43.49 6.97 21.99
N LYS D 45 42.78 6.28 21.08
CA LYS D 45 41.38 5.92 21.22
C LYS D 45 41.21 4.94 22.38
N ILE D 46 40.35 5.32 23.35
CA ILE D 46 40.00 4.46 24.48
C ILE D 46 38.99 3.43 23.98
N PRO D 47 39.21 2.12 24.25
CA PRO D 47 38.29 1.08 23.78
C PRO D 47 37.07 0.90 24.68
N LYS D 48 35.95 0.53 24.04
CA LYS D 48 34.68 0.23 24.69
C LYS D 48 34.23 1.40 25.56
N VAL D 49 34.06 2.56 24.92
CA VAL D 49 33.41 3.72 25.51
C VAL D 49 31.90 3.48 25.42
N GLU D 50 31.20 3.66 26.55
CA GLU D 50 29.77 3.49 26.60
C GLU D 50 29.08 4.76 26.12
N MET D 51 28.03 4.58 25.31
CA MET D 51 27.23 5.68 24.79
C MET D 51 25.80 5.55 25.31
N SER D 52 25.24 6.66 25.78
CA SER D 52 23.81 6.73 26.06
C SER D 52 23.06 6.72 24.74
N ASP D 53 21.77 6.36 24.79
CA ASP D 53 20.93 6.48 23.61
C ASP D 53 20.83 7.95 23.24
N MET D 54 20.90 8.24 21.94
CA MET D 54 20.72 9.61 21.47
C MET D 54 19.30 10.06 21.79
N SER D 55 19.18 11.35 22.14
CA SER D 55 17.90 11.98 22.42
C SER D 55 17.92 13.40 21.88
N PHE D 56 16.83 14.15 22.09
CA PHE D 56 16.79 15.54 21.72
C PHE D 56 15.98 16.35 22.74
N SER D 57 16.25 17.66 22.78
CA SER D 57 15.62 18.59 23.71
C SER D 57 14.37 19.21 23.06
N LYS D 58 13.71 20.09 23.81
CA LYS D 58 12.48 20.73 23.38
C LYS D 58 12.71 21.54 22.10
N ASP D 59 13.96 21.98 21.88
CA ASP D 59 14.30 22.81 20.73
C ASP D 59 14.70 21.94 19.54
N TRP D 60 14.58 20.62 19.70
CA TRP D 60 14.73 19.63 18.63
C TRP D 60 16.20 19.31 18.36
N SER D 61 17.11 19.91 19.12
CA SER D 61 18.53 19.65 18.96
C SER D 61 18.91 18.38 19.73
N PHE D 62 19.84 17.61 19.15
CA PHE D 62 20.24 16.32 19.69
C PHE D 62 21.31 16.49 20.75
N TYR D 63 21.41 15.46 21.61
CA TYR D 63 22.46 15.34 22.61
C TYR D 63 22.73 13.87 22.88
N ILE D 64 23.94 13.57 23.36
CA ILE D 64 24.34 12.22 23.70
C ILE D 64 25.48 12.30 24.72
N LEU D 65 25.53 11.29 25.60
CA LEU D 65 26.55 11.23 26.63
C LEU D 65 27.44 10.01 26.40
N ALA D 66 28.74 10.28 26.17
CA ALA D 66 29.76 9.26 26.18
C ALA D 66 30.46 9.27 27.54
N HIS D 67 30.78 8.08 28.05
CA HIS D 67 31.50 7.97 29.31
C HIS D 67 32.40 6.74 29.29
N THR D 68 33.48 6.81 30.07
CA THR D 68 34.44 5.72 30.20
C THR D 68 35.12 5.78 31.56
N GLU D 69 35.56 4.62 32.04
CA GLU D 69 36.40 4.52 33.24
C GLU D 69 37.76 5.12 32.93
N PHE D 70 38.29 5.92 33.87
CA PHE D 70 39.61 6.50 33.72
C PHE D 70 40.25 6.70 35.09
N THR D 71 41.58 6.68 35.11
CA THR D 71 42.36 6.96 36.30
C THR D 71 43.29 8.13 36.01
N PRO D 72 42.99 9.34 36.54
CA PRO D 72 43.81 10.52 36.25
C PRO D 72 45.19 10.46 36.90
N THR D 73 46.19 11.04 36.21
CA THR D 73 47.56 11.14 36.68
C THR D 73 48.08 12.55 36.39
N GLU D 74 49.35 12.78 36.70
CA GLU D 74 49.99 14.08 36.46
C GLU D 74 50.32 14.22 34.98
N THR D 75 50.58 13.07 34.32
CA THR D 75 51.13 13.07 32.96
C THR D 75 50.02 12.94 31.92
N ASP D 76 49.09 12.00 32.14
CA ASP D 76 48.13 11.57 31.13
C ASP D 76 47.17 12.71 30.78
N THR D 77 46.89 12.83 29.48
CA THR D 77 45.89 13.76 28.96
C THR D 77 44.65 12.98 28.51
N TYR D 78 43.48 13.61 28.67
CA TYR D 78 42.22 13.03 28.24
C TYR D 78 41.46 14.05 27.41
N ALA D 79 40.84 13.56 26.34
CA ALA D 79 40.18 14.44 25.37
C ALA D 79 38.94 13.76 24.80
N CYS D 80 38.07 14.58 24.21
CA CYS D 80 36.91 14.09 23.49
C CYS D 80 36.91 14.68 22.08
N ARG D 81 36.93 13.79 21.08
CA ARG D 81 37.03 14.18 19.69
C ARG D 81 35.72 13.88 18.98
N VAL D 82 35.16 14.90 18.31
CA VAL D 82 33.88 14.81 17.65
C VAL D 82 34.03 15.26 16.19
N LYS D 83 33.65 14.37 15.26
CA LYS D 83 33.47 14.75 13.87
C LYS D 83 31.98 14.76 13.52
N HIS D 84 31.55 15.86 12.91
CA HIS D 84 30.18 16.10 12.52
C HIS D 84 30.18 16.93 11.23
N ALA D 85 29.21 16.66 10.34
CA ALA D 85 29.18 17.23 9.00
C ALA D 85 29.24 18.75 9.03
N SER D 86 28.84 19.35 10.17
CA SER D 86 28.75 20.80 10.31
C SER D 86 30.14 21.42 10.46
N MET D 87 31.16 20.56 10.64
CA MET D 87 32.54 21.02 10.83
C MET D 87 33.43 20.42 9.76
N ALA D 88 34.35 21.24 9.23
CA ALA D 88 35.30 20.80 8.23
C ALA D 88 36.30 19.84 8.86
N GLU D 89 36.79 20.20 10.05
CA GLU D 89 37.78 19.41 10.77
C GLU D 89 37.16 18.89 12.07
N PRO D 90 37.57 17.69 12.56
CA PRO D 90 37.13 17.19 13.86
C PRO D 90 37.53 18.12 15.01
N LYS D 91 36.65 18.25 16.00
CA LYS D 91 36.85 19.12 17.13
C LYS D 91 37.28 18.29 18.34
N THR D 92 38.34 18.75 19.01
CA THR D 92 38.88 18.09 20.19
C THR D 92 38.76 19.03 21.39
N VAL D 93 38.18 18.52 22.48
CA VAL D 93 38.08 19.25 23.73
C VAL D 93 38.77 18.42 24.81
N TYR D 94 39.78 19.02 25.46
CA TYR D 94 40.61 18.34 26.44
C TYR D 94 39.99 18.49 27.83
N TRP D 95 40.08 17.42 28.61
CA TRP D 95 39.72 17.45 30.02
C TRP D 95 40.74 18.32 30.76
N ASP D 96 40.22 19.35 31.43
CA ASP D 96 41.02 20.18 32.31
C ASP D 96 40.49 19.99 33.74
N ARG D 97 41.30 19.32 34.57
CA ARG D 97 40.96 19.01 35.95
C ARG D 97 40.50 20.28 36.67
N ASP D 98 41.18 21.39 36.37
CA ASP D 98 40.82 22.70 36.90
C ASP D 98 39.63 23.26 36.11
C1 NAG E . 16.35 -0.37 10.34
C2 NAG E . 17.39 -0.82 9.32
C3 NAG E . 16.74 -1.26 8.01
C4 NAG E . 15.64 -2.29 8.24
C5 NAG E . 14.67 -1.77 9.29
C6 NAG E . 13.57 -2.79 9.64
C7 NAG E . 19.66 0.13 9.28
C8 NAG E . 20.47 1.28 8.78
N2 NAG E . 18.35 0.24 9.06
O3 NAG E . 17.73 -1.78 7.11
O4 NAG E . 14.97 -2.57 7.00
O5 NAG E . 15.36 -1.41 10.49
O6 NAG E . 14.08 -3.79 10.53
O7 NAG E . 20.17 -0.82 9.84
C1 NAG E . 15.17 -3.93 6.59
C2 NAG E . 14.10 -4.35 5.58
C3 NAG E . 14.39 -5.64 4.81
C4 NAG E . 15.87 -5.98 4.61
C5 NAG E . 16.72 -5.55 5.81
C6 NAG E . 18.21 -5.78 5.58
C7 NAG E . 11.81 -3.67 6.16
C8 NAG E . 10.65 -3.95 7.07
N2 NAG E . 12.84 -4.52 6.29
O3 NAG E . 13.76 -5.54 3.52
O4 NAG E . 15.99 -7.40 4.41
O5 NAG E . 16.49 -4.17 6.07
O6 NAG E . 18.82 -6.25 6.80
O7 NAG E . 11.82 -2.75 5.38
C1 NAG F . -9.89 13.25 21.74
C2 NAG F . -11.29 13.00 21.16
C3 NAG F . -11.67 14.08 20.14
C4 NAG F . -11.42 15.50 20.64
C5 NAG F . -10.01 15.60 21.24
C6 NAG F . -9.72 16.99 21.82
C7 NAG F . -11.85 10.61 21.16
C8 NAG F . -12.20 9.45 20.29
N2 NAG F . -11.36 11.69 20.54
O3 NAG F . -13.04 13.91 19.76
O4 NAG F . -11.53 16.42 19.55
O5 NAG F . -9.79 14.59 22.24
O6 NAG F . -8.60 16.92 22.72
O7 NAG F . -11.99 10.56 22.39
C1 NAG F . -12.79 17.12 19.52
C2 NAG F . -12.56 18.50 18.92
C3 NAG F . -13.88 19.24 18.72
C4 NAG F . -14.86 18.39 17.91
C5 NAG F . -15.03 17.03 18.59
C6 NAG F . -15.96 16.10 17.79
C7 NAG F . -10.65 20.01 19.21
C8 NAG F . -10.05 21.02 20.14
N2 NAG F . -11.65 19.29 19.73
O3 NAG F . -13.65 20.50 18.08
O4 NAG F . -16.11 19.06 17.76
O5 NAG F . -13.76 16.38 18.76
O6 NAG F . -15.62 14.72 18.02
O7 NAG F . -10.24 19.86 18.07
C1 BMA F . -16.29 19.50 16.40
C2 BMA F . -17.60 18.94 15.81
C3 BMA F . -17.83 19.45 14.38
C4 BMA F . -17.53 20.94 14.19
C5 BMA F . -16.23 21.38 14.91
C6 BMA F . -16.07 22.90 14.89
O2 BMA F . -18.70 19.30 16.66
O3 BMA F . -19.20 19.20 14.01
O4 BMA F . -17.41 21.23 12.79
O5 BMA F . -16.24 20.92 16.27
O6 BMA F . -14.73 23.23 14.51
C1 FUC F . -7.46 17.67 22.20
C2 FUC F . -6.47 17.96 23.35
C3 FUC F . -5.75 16.68 23.79
C4 FUC F . -5.13 15.95 22.60
C5 FUC F . -6.19 15.75 21.50
C6 FUC F . -5.61 15.07 20.26
O2 FUC F . -7.15 18.57 24.45
O3 FUC F . -4.76 16.98 24.78
O4 FUC F . -4.00 16.66 22.08
O5 FUC F . -6.77 17.00 21.13
NA NA G . -5.06 1.04 0.35
C1 GOL H . -0.80 -11.59 -6.54
O1 GOL H . 0.16 -12.41 -7.19
C2 GOL H . -0.17 -10.25 -6.18
O2 GOL H . 0.62 -10.41 -5.00
C3 GOL H . -1.26 -9.21 -5.93
O3 GOL H . -0.70 -8.04 -5.32
C1 GOL I . -15.90 1.55 -7.32
O1 GOL I . -15.81 1.71 -5.89
C2 GOL I . -14.73 0.72 -7.87
O2 GOL I . -13.67 0.65 -6.92
C3 GOL I . -14.24 1.36 -9.16
O3 GOL I . -13.64 0.39 -10.02
C1 GOL J . -12.51 6.51 1.70
O1 GOL J . -11.09 6.74 1.82
C2 GOL J . -13.09 7.47 0.67
O2 GOL J . -14.43 7.79 1.03
C3 GOL J . -13.09 6.81 -0.70
O3 GOL J . -11.74 6.63 -1.16
C1 NAG K . 22.19 5.51 0.89
C2 NAG K . 23.12 4.73 -0.05
C3 NAG K . 24.63 4.77 0.26
C4 NAG K . 25.03 5.16 1.69
C5 NAG K . 23.84 5.26 2.64
C6 NAG K . 24.23 5.85 3.99
C7 NAG K . 22.72 2.59 -1.20
C8 NAG K . 23.57 1.36 -1.13
N2 NAG K . 22.69 3.34 -0.09
O3 NAG K . 25.27 5.68 -0.66
O4 NAG K . 25.98 4.21 2.20
O5 NAG K . 22.84 6.08 2.03
O6 NAG K . 24.34 7.28 3.88
O7 NAG K . 22.08 2.89 -2.21
O1 JTJ L . -2.01 2.72 9.15
C3 JTJ L . -3.65 0.93 10.87
O4 JTJ L . -5.92 0.47 9.94
C5 JTJ L . -4.90 2.58 9.44
C6 JTJ L . -4.13 2.05 8.23
CBT JTJ L . 8.04 14.30 3.26
CBS JTJ L . 6.86 14.81 4.08
CBR JTJ L . 7.18 14.73 5.57
CBQ JTJ L . 5.96 15.17 6.40
CBP JTJ L . 5.33 13.94 7.07
CBO JTJ L . 4.54 14.35 8.31
CBN JTJ L . 4.66 13.23 9.36
CBM JTJ L . 3.39 13.14 10.21
CBL JTJ L . 3.51 11.94 11.16
CBK JTJ L . 2.59 10.80 10.72
CBJ JTJ L . 2.89 9.55 11.56
CBI JTJ L . 1.92 8.42 11.19
CBH JTJ L . 2.51 7.54 10.07
CBG JTJ L . 1.86 6.14 10.07
CAQ JTJ L . 0.43 6.18 9.49
OAR JTJ L . 0.35 7.10 8.38
CAP JTJ L . -0.04 4.80 8.99
OAS JTJ L . 0.81 4.35 7.95
CAN JTJ L . -0.06 3.73 10.09
CAM JTJ L . -0.66 2.44 9.51
C1 JTJ L . -2.73 1.59 8.67
O5 JTJ L . -4.01 3.08 7.24
O3 JTJ L . -6.18 3.03 9.01
O2 JTJ L . -2.87 0.57 9.69
C2 JTJ L . -3.72 -0.30 11.78
O6 JTJ L . -4.05 0.09 13.12
C4 JTJ L . -5.05 1.48 10.48
CAT JTJ L . -6.78 -0.15 10.91
CAU JTJ L . -7.96 0.55 11.17
CAV JTJ L . -8.19 1.00 12.48
CAW JTJ L . -9.37 1.69 12.79
CAX JTJ L . -10.32 1.92 11.78
CBA JTJ L . -11.49 2.61 12.10
CAY JTJ L . -10.09 1.46 10.49
CAZ JTJ L . -8.91 0.77 10.18
NAO JTJ L . -0.86 4.15 11.25
CBE JTJ L . -0.67 3.61 12.46
OBF JTJ L . 0.19 2.77 12.70
CBU JTJ L . -1.60 4.15 13.56
CBV JTJ L . -0.84 4.45 14.84
CBW JTJ L . -0.11 5.79 14.70
CBX JTJ L . 0.82 5.99 15.91
CBY JTJ L . 1.41 7.39 15.84
CBZ JTJ L . 2.08 7.72 17.19
CCA JTJ L . 3.56 8.00 16.95
CCB JTJ L . 4.17 8.66 18.19
CCC JTJ L . 5.03 7.63 18.94
CCD JTJ L . 6.48 7.71 18.46
CCE JTJ L . 7.42 7.24 19.57
CCF JTJ L . 7.55 5.71 19.54
CCG JTJ L . 8.04 5.23 20.91
CCH JTJ L . 7.61 3.78 21.13
CCI JTJ L . 7.74 3.45 22.61
CCJ JTJ L . 6.36 3.48 23.28
CCK JTJ L . 6.51 3.44 24.79
CCL JTJ L . 5.15 3.16 25.45
CCM JTJ L . 4.33 4.45 25.50
CCN JTJ L . 2.88 4.13 25.87
CCO JTJ L . 1.91 4.84 24.90
CCP JTJ L . 1.87 6.35 25.17
CCQ JTJ L . 1.23 7.06 23.96
CCR JTJ L . 2.20 8.09 23.39
CCS JTJ L . 1.72 8.53 22.01
NA NA M . 10.23 14.96 -2.92
#